data_5VRP
#
_entry.id   5VRP
#
_cell.length_a   54.334
_cell.length_b   99.933
_cell.length_c   146.529
_cell.angle_alpha   90.00
_cell.angle_beta   90.00
_cell.angle_gamma   90.00
#
_symmetry.space_group_name_H-M   'P 21 21 21'
#
loop_
_entity.id
_entity.type
_entity.pdbx_description
1 polymer Renin
2 non-polymer 2-acetamido-2-deoxy-beta-D-glucopyranose
3 non-polymer 'SULFATE ION'
4 non-polymer "methyl [(4S)-4-{(3R)-1-[(3S)-4-amino-3-hydroxybutanoyl]piperidin-3-yl}-4-(3'-ethyl-6-fluoro[1,1'-biphenyl]-2-yl)-4-hydroxybutyl]carbamate"
5 water water
#
_entity_poly.entity_id   1
_entity_poly.type   'polypeptide(L)'
_entity_poly.pdbx_seq_one_letter_code
;GNTTSSVILTNYMDTQYYGEIGIGTPPQTFKVVFDTGSSNVWVPSSKCSRLYTACVYHKLFDASDSSSYKHNGTELTLRY
STGTVSGFLSQDIITVGGITVTQMFGEVTEMPALPFMLAEFDGVVGMGFIEQAIGRVTPIFDNIISQGVLKEDVFSFYYN
RDSENSQSLGGQIVLGGSDPQHYEGNFHYINLIKTGVWQIQMKGVSVGSSTLLCEDGCLALVDTGASYISGSTSSIEKLM
EALGAKKRLFDYVVKCNEGPTLPDISFHLGGKEYTLTSADYVFQESYSSKKLCTLAIHAMDIPPPTGPTWALGATFIRKF
YTEFDRRNNRIGFALAR
;
_entity_poly.pdbx_strand_id   A,B
#
loop_
_chem_comp.id
_chem_comp.type
_chem_comp.name
_chem_comp.formula
9JD non-polymer 'methyl [(4S)-4-{(3R)-1-[(3S)-4-amino-3-hydroxybutanoyl]piperidin-3-yl}-4-(3'-ethyl-6-fluoro[1,1'-biphenyl]-2-yl)-4-hydroxybutyl]carbamate' 'C29 H40 F N3 O5'
NAG D-saccharide, beta linking 2-acetamido-2-deoxy-beta-D-glucopyranose 'C8 H15 N O6'
SO4 non-polymer 'SULFATE ION' 'O4 S -2'
#
# COMPACT_ATOMS: atom_id res chain seq x y z
N GLY A 1 -36.81 -25.54 3.45
CA GLY A 1 -37.10 -24.42 2.51
C GLY A 1 -36.56 -24.65 1.12
N ASN A 2 -37.25 -24.08 0.12
CA ASN A 2 -36.85 -24.17 -1.27
C ASN A 2 -36.02 -22.97 -1.73
N THR A 3 -35.66 -22.07 -0.83
CA THR A 3 -35.15 -20.77 -1.22
C THR A 3 -33.74 -20.85 -1.77
N THR A 4 -33.51 -20.21 -2.92
CA THR A 4 -32.18 -19.84 -3.39
C THR A 4 -32.27 -18.42 -3.91
N SER A 5 -31.54 -17.50 -3.28
CA SER A 5 -31.57 -16.08 -3.62
C SER A 5 -30.20 -15.63 -4.10
N SER A 6 -30.18 -14.71 -5.06
CA SER A 6 -28.94 -14.25 -5.68
C SER A 6 -28.72 -12.77 -5.39
N VAL A 7 -27.46 -12.40 -5.18
CA VAL A 7 -27.06 -11.02 -4.94
C VAL A 7 -26.14 -10.60 -6.09
N ILE A 8 -26.50 -9.50 -6.74
CA ILE A 8 -25.72 -8.98 -7.86
C ILE A 8 -24.49 -8.25 -7.34
N LEU A 9 -23.36 -8.45 -7.99
CA LEU A 9 -22.09 -7.87 -7.59
C LEU A 9 -21.59 -6.88 -8.65
N THR A 10 -21.01 -5.78 -8.19
CA THR A 10 -20.39 -4.80 -9.08
C THR A 10 -18.91 -5.12 -9.22
N ASN A 11 -18.45 -5.21 -10.46
CA ASN A 11 -17.04 -5.50 -10.77
C ASN A 11 -16.31 -4.19 -11.05
N TYR A 12 -15.36 -3.85 -10.17
CA TYR A 12 -14.52 -2.67 -10.35
C TYR A 12 -13.13 -3.12 -10.79
N MET A 13 -12.82 -2.89 -12.07
CA MET A 13 -11.48 -3.11 -12.62
C MET A 13 -10.91 -4.49 -12.26
N ASP A 14 -11.77 -5.50 -12.17
CA ASP A 14 -11.37 -6.89 -11.97
C ASP A 14 -10.56 -7.11 -10.69
N THR A 15 -10.54 -6.12 -9.80
CA THR A 15 -9.87 -6.21 -8.51
C THR A 15 -10.85 -6.35 -7.36
N GLN A 16 -11.88 -5.51 -7.33
CA GLN A 16 -12.80 -5.43 -6.20
C GLN A 16 -14.20 -5.81 -6.69
N TYR A 17 -14.76 -6.86 -6.09
CA TYR A 17 -16.12 -7.33 -6.36
C TYR A 17 -16.93 -7.17 -5.07
N TYR A 18 -18.03 -6.43 -5.15
CA TYR A 18 -18.81 -6.12 -3.96
C TYR A 18 -20.30 -6.12 -4.31
N GLY A 19 -21.12 -6.24 -3.25
CA GLY A 19 -22.56 -6.20 -3.38
C GLY A 19 -23.19 -5.41 -2.26
N GLU A 20 -24.51 -5.39 -2.20
CA GLU A 20 -25.25 -4.51 -1.30
C GLU A 20 -26.00 -5.30 -0.24
N ILE A 21 -25.97 -4.80 1.00
CA ILE A 21 -26.72 -5.38 2.11
C ILE A 21 -27.39 -4.26 2.91
N GLY A 22 -28.61 -4.49 3.35
CA GLY A 22 -29.27 -3.59 4.26
C GLY A 22 -29.03 -3.97 5.71
N ILE A 23 -29.04 -2.96 6.59
CA ILE A 23 -28.82 -3.17 8.02
C ILE A 23 -29.83 -2.32 8.78
N GLY A 24 -30.66 -2.97 9.60
CA GLY A 24 -31.52 -2.26 10.52
C GLY A 24 -32.83 -1.82 9.91
N THR A 25 -33.66 -1.23 10.77
CA THR A 25 -34.97 -0.72 10.36
C THR A 25 -35.04 0.80 10.54
N PRO A 26 -35.13 1.57 9.43
CA PRO A 26 -35.14 1.12 8.03
C PRO A 26 -33.77 0.63 7.57
N PRO A 27 -33.72 -0.17 6.50
CA PRO A 27 -32.44 -0.73 6.07
C PRO A 27 -31.44 0.36 5.68
N GLN A 28 -30.23 0.24 6.22
CA GLN A 28 -29.11 1.09 5.83
C GLN A 28 -28.24 0.33 4.84
N THR A 29 -28.03 0.92 3.67
CA THR A 29 -27.34 0.26 2.57
C THR A 29 -25.83 0.31 2.77
N PHE A 30 -25.15 -0.77 2.38
CA PHE A 30 -23.70 -0.82 2.43
C PHE A 30 -23.18 -1.67 1.29
N LYS A 31 -22.09 -1.22 0.66
CA LYS A 31 -21.36 -2.00 -0.33
C LYS A 31 -20.32 -2.85 0.41
N VAL A 32 -20.43 -4.17 0.28
CA VAL A 32 -19.59 -5.09 1.04
C VAL A 32 -18.99 -6.13 0.11
N VAL A 33 -17.75 -6.52 0.39
CA VAL A 33 -17.09 -7.63 -0.27
C VAL A 33 -17.42 -8.90 0.51
N PHE A 34 -17.80 -9.96 -0.22
CA PHE A 34 -18.09 -11.25 0.39
C PHE A 34 -16.82 -12.09 0.36
N ASP A 35 -16.26 -12.35 1.53
CA ASP A 35 -14.90 -12.86 1.66
C ASP A 35 -14.94 -14.21 2.35
N THR A 36 -14.53 -15.26 1.63
CA THR A 36 -14.41 -16.59 2.20
C THR A 36 -13.17 -16.75 3.07
N GLY A 37 -12.29 -15.75 3.10
CA GLY A 37 -11.09 -15.79 3.92
C GLY A 37 -11.21 -15.16 5.29
N SER A 38 -12.37 -14.61 5.64
CA SER A 38 -12.60 -14.03 6.95
C SER A 38 -14.02 -14.37 7.40
N SER A 39 -14.19 -14.54 8.71
CA SER A 39 -15.45 -14.98 9.28
C SER A 39 -16.30 -13.85 9.88
N ASN A 40 -15.81 -12.60 9.89
CA ASN A 40 -16.50 -11.51 10.55
C ASN A 40 -17.15 -10.57 9.53
N VAL A 41 -18.31 -10.03 9.92
CA VAL A 41 -19.00 -9.00 9.15
C VAL A 41 -18.78 -7.67 9.86
N TRP A 42 -18.35 -6.65 9.10
CA TRP A 42 -18.08 -5.36 9.70
C TRP A 42 -18.34 -4.26 8.68
N VAL A 43 -18.79 -3.11 9.17
CA VAL A 43 -19.01 -1.92 8.34
C VAL A 43 -18.50 -0.70 9.09
N PRO A 44 -18.29 0.41 8.37
CA PRO A 44 -17.87 1.64 9.03
C PRO A 44 -18.97 2.18 9.94
N SER A 45 -18.55 2.82 11.03
CA SER A 45 -19.46 3.27 12.07
C SER A 45 -19.57 4.80 12.07
N SER A 46 -20.76 5.28 12.45
CA SER A 46 -20.95 6.71 12.62
C SER A 46 -20.13 7.26 13.78
N LYS A 47 -19.72 6.40 14.71
CA LYS A 47 -18.87 6.82 15.82
C LYS A 47 -17.40 6.88 15.42
N CYS A 48 -17.08 6.57 14.17
CA CYS A 48 -15.71 6.65 13.70
C CYS A 48 -15.28 8.10 13.58
N SER A 49 -14.13 8.42 14.16
CA SER A 49 -13.61 9.78 14.07
C SER A 49 -13.40 10.16 12.61
N ARG A 50 -13.67 11.43 12.28
CA ARG A 50 -13.41 11.93 10.94
C ARG A 50 -11.91 12.08 10.67
N LEU A 51 -11.07 11.94 11.69
CA LEU A 51 -9.62 11.97 11.47
C LEU A 51 -9.18 10.81 10.60
N TYR A 52 -9.96 9.73 10.56
CA TYR A 52 -9.75 8.66 9.60
C TYR A 52 -10.49 9.05 8.33
N THR A 53 -9.76 9.23 7.23
CA THR A 53 -10.38 9.74 6.01
C THR A 53 -11.34 8.73 5.40
N ALA A 54 -11.08 7.43 5.58
CA ALA A 54 -11.94 6.42 5.00
C ALA A 54 -13.38 6.56 5.51
N CYS A 55 -13.54 6.92 6.78
CA CYS A 55 -14.88 7.09 7.34
C CYS A 55 -15.58 8.33 6.78
N VAL A 56 -14.84 9.24 6.17
CA VAL A 56 -15.48 10.36 5.47
C VAL A 56 -15.94 9.92 4.09
N TYR A 57 -15.10 9.16 3.38
CA TYR A 57 -15.39 8.80 2.00
C TYR A 57 -16.40 7.67 1.87
N HIS A 58 -16.54 6.83 2.89
CA HIS A 58 -17.44 5.69 2.83
C HIS A 58 -18.73 5.98 3.59
N LYS A 59 -19.68 5.05 3.46
CA LYS A 59 -20.95 5.16 4.16
C LYS A 59 -20.83 4.61 5.57
N LEU A 60 -21.46 5.29 6.52
CA LEU A 60 -21.37 4.96 7.93
C LEU A 60 -22.69 4.40 8.43
N PHE A 61 -22.59 3.50 9.41
CA PHE A 61 -23.77 2.96 10.08
C PHE A 61 -24.09 3.80 11.31
N ASP A 62 -25.35 4.24 11.40
CA ASP A 62 -25.83 5.01 12.54
C ASP A 62 -26.76 4.14 13.36
N ALA A 63 -26.30 3.75 14.55
CA ALA A 63 -27.06 2.80 15.37
C ALA A 63 -28.40 3.39 15.81
N SER A 64 -28.43 4.69 16.13
CA SER A 64 -29.64 5.30 16.67
C SER A 64 -30.72 5.51 15.61
N ASP A 65 -30.41 5.26 14.34
CA ASP A 65 -31.39 5.39 13.27
C ASP A 65 -32.16 4.09 13.02
N SER A 66 -31.81 3.00 13.70
CA SER A 66 -32.46 1.71 13.49
C SER A 66 -33.17 1.30 14.78
N SER A 67 -34.48 1.06 14.68
CA SER A 67 -35.25 0.64 15.84
C SER A 67 -35.00 -0.81 16.22
N SER A 68 -34.48 -1.62 15.30
CA SER A 68 -34.12 -3.00 15.58
C SER A 68 -32.70 -3.14 16.10
N TYR A 69 -31.96 -2.03 16.22
CA TYR A 69 -30.60 -2.09 16.72
C TYR A 69 -30.59 -2.53 18.18
N LYS A 70 -29.59 -3.33 18.53
CA LYS A 70 -29.42 -3.83 19.89
C LYS A 70 -27.97 -3.62 20.29
N HIS A 71 -27.76 -2.90 21.39
CA HIS A 71 -26.40 -2.52 21.78
C HIS A 71 -25.63 -3.72 22.31
N ASN A 72 -24.34 -3.77 22.00
CA ASN A 72 -23.46 -4.78 22.57
C ASN A 72 -22.23 -4.08 23.15
N GLY A 73 -21.41 -3.51 22.27
CA GLY A 73 -20.32 -2.64 22.68
C GLY A 73 -19.01 -3.30 23.06
N THR A 74 -18.84 -4.59 22.78
CA THR A 74 -17.58 -5.25 23.10
C THR A 74 -16.52 -4.90 22.07
N GLU A 75 -15.30 -4.65 22.55
CA GLU A 75 -14.21 -4.30 21.66
C GLU A 75 -13.93 -5.43 20.67
N LEU A 76 -13.64 -5.05 19.43
CA LEU A 76 -13.33 -6.02 18.37
C LEU A 76 -12.19 -5.48 17.53
N THR A 77 -11.21 -6.35 17.26
CA THR A 77 -10.06 -6.01 16.42
C THR A 77 -9.87 -7.12 15.40
N LEU A 78 -9.83 -6.75 14.11
CA LEU A 78 -9.64 -7.70 13.03
C LEU A 78 -8.29 -7.44 12.37
N ARG A 79 -7.52 -8.50 12.17
CA ARG A 79 -6.20 -8.41 11.56
C ARG A 79 -6.25 -8.99 10.16
N TYR A 80 -5.78 -8.22 9.18
CA TYR A 80 -5.57 -8.69 7.83
C TYR A 80 -4.07 -8.62 7.52
N SER A 81 -3.70 -9.08 6.32
CA SER A 81 -2.31 -8.95 5.88
C SER A 81 -1.91 -7.49 5.77
N THR A 82 -2.87 -6.61 5.47
CA THR A 82 -2.62 -5.20 5.25
C THR A 82 -2.52 -4.38 6.53
N GLY A 83 -3.09 -4.84 7.62
CA GLY A 83 -3.14 -4.06 8.83
C GLY A 83 -4.33 -4.47 9.69
N THR A 84 -4.79 -3.52 10.50
CA THR A 84 -5.78 -3.77 11.54
C THR A 84 -6.93 -2.77 11.43
N VAL A 85 -8.14 -3.25 11.68
CA VAL A 85 -9.30 -2.40 11.91
C VAL A 85 -9.80 -2.66 13.32
N SER A 86 -10.38 -1.62 13.93
CA SER A 86 -10.86 -1.69 15.31
C SER A 86 -12.27 -1.12 15.39
N GLY A 87 -12.97 -1.52 16.44
CA GLY A 87 -14.34 -1.09 16.61
C GLY A 87 -15.00 -1.83 17.77
N PHE A 88 -16.33 -1.88 17.72
CA PHE A 88 -17.11 -2.54 18.75
C PHE A 88 -18.20 -3.36 18.11
N LEU A 89 -18.68 -4.35 18.84
CA LEU A 89 -19.69 -5.27 18.33
C LEU A 89 -21.09 -4.66 18.47
N SER A 90 -21.94 -4.94 17.49
CA SER A 90 -23.33 -4.53 17.52
C SER A 90 -24.18 -5.64 16.91
N GLN A 91 -25.50 -5.53 17.12
CA GLN A 91 -26.44 -6.52 16.59
C GLN A 91 -27.63 -5.80 15.98
N ASP A 92 -27.96 -6.17 14.74
CA ASP A 92 -29.14 -5.64 14.07
C ASP A 92 -29.55 -6.65 13.01
N ILE A 93 -30.65 -6.35 12.32
CA ILE A 93 -31.16 -7.21 11.26
C ILE A 93 -30.45 -6.87 9.97
N ILE A 94 -29.90 -7.87 9.30
CA ILE A 94 -29.16 -7.70 8.06
C ILE A 94 -29.92 -8.39 6.93
N THR A 95 -30.14 -7.66 5.84
CA THR A 95 -30.79 -8.19 4.65
C THR A 95 -29.75 -8.46 3.58
N VAL A 96 -29.76 -9.68 3.05
CA VAL A 96 -28.91 -10.07 1.93
C VAL A 96 -29.78 -10.81 0.93
N GLY A 97 -29.89 -10.29 -0.28
CA GLY A 97 -30.84 -10.85 -1.23
C GLY A 97 -32.24 -10.80 -0.65
N GLY A 98 -32.95 -11.91 -0.75
CA GLY A 98 -34.26 -12.05 -0.17
C GLY A 98 -34.28 -12.60 1.25
N ILE A 99 -33.13 -12.68 1.90
CA ILE A 99 -33.00 -13.30 3.21
C ILE A 99 -32.68 -12.22 4.24
N THR A 100 -33.35 -12.30 5.39
CA THR A 100 -33.08 -11.41 6.52
C THR A 100 -32.62 -12.23 7.71
N VAL A 101 -31.66 -11.69 8.47
CA VAL A 101 -31.10 -12.37 9.62
C VAL A 101 -30.76 -11.34 10.69
N THR A 102 -30.89 -11.73 11.95
CA THR A 102 -30.38 -10.96 13.06
C THR A 102 -28.93 -11.38 13.30
N GLN A 103 -28.00 -10.42 13.22
CA GLN A 103 -26.59 -10.74 13.07
C GLN A 103 -25.75 -9.86 13.99
N MET A 104 -24.75 -10.48 14.61
CA MET A 104 -23.72 -9.75 15.35
C MET A 104 -22.61 -9.36 14.38
N PHE A 105 -22.38 -8.06 14.24
CA PHE A 105 -21.37 -7.54 13.33
C PHE A 105 -20.57 -6.45 14.03
N GLY A 106 -19.41 -6.15 13.47
CA GLY A 106 -18.55 -5.10 14.01
C GLY A 106 -18.92 -3.73 13.45
N GLU A 107 -18.79 -2.72 14.31
CA GLU A 107 -18.88 -1.32 13.92
C GLU A 107 -17.47 -0.74 14.02
N VAL A 108 -16.85 -0.47 12.87
CA VAL A 108 -15.44 -0.10 12.84
C VAL A 108 -15.31 1.40 13.11
N THR A 109 -14.61 1.73 14.20
CA THR A 109 -14.28 3.11 14.54
C THR A 109 -12.87 3.50 14.14
N GLU A 110 -12.06 2.57 13.62
CA GLU A 110 -10.70 2.86 13.17
C GLU A 110 -10.51 2.21 11.81
N MET A 111 -10.27 3.05 10.80
CA MET A 111 -10.16 2.62 9.40
C MET A 111 -8.94 3.27 8.78
N PRO A 112 -7.79 2.60 8.81
CA PRO A 112 -6.57 3.21 8.26
C PRO A 112 -6.77 3.66 6.81
N ALA A 113 -6.08 4.75 6.44
CA ALA A 113 -6.13 5.22 5.07
C ALA A 113 -5.65 4.15 4.10
N LEU A 114 -4.50 3.56 4.40
CA LEU A 114 -3.97 2.43 3.65
C LEU A 114 -4.45 1.14 4.30
N PRO A 115 -5.12 0.25 3.55
CA PRO A 115 -5.63 0.25 2.17
C PRO A 115 -6.92 1.04 1.92
N PHE A 116 -7.68 1.31 2.98
CA PHE A 116 -9.12 1.49 2.83
C PHE A 116 -9.51 2.77 2.06
N MET A 117 -8.61 3.73 1.90
CA MET A 117 -8.94 4.84 1.01
C MET A 117 -8.96 4.42 -0.44
N LEU A 118 -8.50 3.22 -0.77
CA LEU A 118 -8.58 2.66 -2.10
C LEU A 118 -9.79 1.74 -2.28
N ALA A 119 -10.61 1.59 -1.25
CA ALA A 119 -11.70 0.62 -1.26
C ALA A 119 -12.95 1.25 -1.87
N GLU A 120 -13.48 0.60 -2.90
CA GLU A 120 -14.78 0.97 -3.45
C GLU A 120 -15.93 0.36 -2.65
N PHE A 121 -15.61 -0.48 -1.67
CA PHE A 121 -16.59 -1.14 -0.82
C PHE A 121 -16.56 -0.51 0.57
N ASP A 122 -17.73 -0.51 1.22
CA ASP A 122 -17.82 0.05 2.57
C ASP A 122 -17.33 -0.94 3.62
N GLY A 123 -17.62 -2.23 3.46
CA GLY A 123 -17.39 -3.19 4.52
C GLY A 123 -17.21 -4.59 3.97
N VAL A 124 -17.20 -5.55 4.90
CA VAL A 124 -16.90 -6.94 4.58
C VAL A 124 -17.94 -7.85 5.21
N VAL A 125 -18.33 -8.88 4.48
CA VAL A 125 -19.17 -9.96 5.00
C VAL A 125 -18.33 -11.23 4.97
N GLY A 126 -17.93 -11.71 6.15
CA GLY A 126 -17.15 -12.92 6.22
C GLY A 126 -17.98 -14.15 5.91
N MET A 127 -17.54 -14.94 4.93
CA MET A 127 -18.18 -16.22 4.60
C MET A 127 -17.46 -17.40 5.22
N GLY A 128 -16.41 -17.17 6.00
CA GLY A 128 -15.65 -18.25 6.60
C GLY A 128 -16.37 -18.87 7.77
N PHE A 129 -15.77 -19.92 8.30
CA PHE A 129 -16.33 -20.66 9.42
C PHE A 129 -16.15 -19.89 10.72
N ILE A 130 -16.97 -20.23 11.72
CA ILE A 130 -16.86 -19.64 13.05
C ILE A 130 -15.49 -19.89 13.66
N GLU A 131 -14.79 -20.94 13.24
CA GLU A 131 -13.48 -21.24 13.80
C GLU A 131 -12.50 -20.08 13.61
N GLN A 132 -12.66 -19.29 12.55
CA GLN A 132 -11.79 -18.15 12.27
C GLN A 132 -12.36 -16.84 12.79
N ALA A 133 -13.54 -16.84 13.40
CA ALA A 133 -14.21 -15.62 13.79
C ALA A 133 -13.57 -15.05 15.04
N ILE A 134 -13.09 -13.81 14.96
CA ILE A 134 -12.58 -13.12 16.14
C ILE A 134 -13.75 -12.86 17.09
N GLY A 135 -13.56 -13.19 18.36
CA GLY A 135 -14.63 -13.11 19.32
C GLY A 135 -15.62 -14.25 19.25
N ARG A 136 -15.39 -15.24 18.38
CA ARG A 136 -16.24 -16.43 18.28
C ARG A 136 -17.69 -16.08 17.97
N VAL A 137 -17.91 -14.95 17.30
CA VAL A 137 -19.26 -14.53 16.94
C VAL A 137 -19.75 -15.39 15.78
N THR A 138 -21.02 -15.80 15.85
CA THR A 138 -21.58 -16.64 14.81
C THR A 138 -21.47 -15.94 13.46
N PRO A 139 -20.91 -16.59 12.44
CA PRO A 139 -20.87 -15.97 11.11
C PRO A 139 -22.27 -15.85 10.52
N ILE A 140 -22.38 -14.95 9.53
CA ILE A 140 -23.70 -14.65 8.97
C ILE A 140 -24.29 -15.90 8.30
N PHE A 141 -23.46 -16.66 7.59
CA PHE A 141 -23.99 -17.81 6.86
C PHE A 141 -24.50 -18.89 7.81
N ASP A 142 -23.86 -19.04 8.98
CA ASP A 142 -24.35 -20.00 9.95
C ASP A 142 -25.74 -19.62 10.45
N ASN A 143 -25.96 -18.33 10.71
CA ASN A 143 -27.30 -17.87 11.08
C ASN A 143 -28.32 -18.15 9.98
N ILE A 144 -27.89 -18.13 8.73
CA ILE A 144 -28.81 -18.42 7.63
C ILE A 144 -29.17 -19.90 7.61
N ILE A 145 -28.19 -20.77 7.85
CA ILE A 145 -28.49 -22.20 7.94
C ILE A 145 -29.55 -22.44 9.01
N SER A 146 -29.37 -21.84 10.19
CA SER A 146 -30.30 -22.04 11.29
C SER A 146 -31.73 -21.71 10.87
N GLN A 147 -31.90 -20.76 9.95
CA GLN A 147 -33.23 -20.41 9.48
C GLN A 147 -33.86 -21.51 8.63
N GLY A 148 -33.04 -22.44 8.12
CA GLY A 148 -33.55 -23.55 7.34
C GLY A 148 -34.34 -23.15 6.11
N VAL A 149 -34.17 -21.92 5.64
CA VAL A 149 -34.88 -21.47 4.44
C VAL A 149 -34.19 -21.92 3.16
N LEU A 150 -32.88 -22.17 3.22
CA LEU A 150 -32.13 -22.47 2.00
C LEU A 150 -32.51 -23.82 1.42
N LYS A 151 -32.57 -23.89 0.09
CA LYS A 151 -32.75 -25.18 -0.57
C LYS A 151 -31.62 -26.12 -0.20
N GLU A 152 -30.38 -25.62 -0.23
CA GLU A 152 -29.20 -26.35 0.21
C GLU A 152 -28.38 -25.46 1.11
N ASP A 153 -27.44 -26.06 1.82
CA ASP A 153 -26.56 -25.37 2.75
C ASP A 153 -25.32 -24.81 2.07
N VAL A 154 -25.31 -24.72 0.74
CA VAL A 154 -24.14 -24.35 -0.03
C VAL A 154 -24.37 -22.95 -0.61
N PHE A 155 -23.27 -22.28 -0.94
CA PHE A 155 -23.31 -20.99 -1.61
C PHE A 155 -22.17 -20.92 -2.61
N SER A 156 -22.41 -20.18 -3.70
CA SER A 156 -21.49 -20.16 -4.83
C SER A 156 -21.14 -18.73 -5.23
N PHE A 157 -20.04 -18.60 -5.95
CA PHE A 157 -19.51 -17.31 -6.38
C PHE A 157 -19.31 -17.30 -7.89
N TYR A 158 -19.60 -16.15 -8.51
CA TYR A 158 -19.31 -15.93 -9.93
C TYR A 158 -18.70 -14.55 -10.09
N TYR A 159 -17.46 -14.49 -10.60
CA TYR A 159 -16.80 -13.24 -10.91
C TYR A 159 -16.61 -13.14 -12.42
N ASN A 160 -16.95 -11.99 -12.98
CA ASN A 160 -16.90 -11.78 -14.42
C ASN A 160 -15.68 -10.93 -14.79
N ARG A 161 -15.43 -10.85 -16.09
CA ARG A 161 -14.33 -10.05 -16.61
C ARG A 161 -14.88 -8.66 -16.89
N ASP A 162 -14.15 -7.63 -16.47
CA ASP A 162 -14.58 -6.26 -16.67
C ASP A 162 -14.69 -5.91 -18.14
N SER A 163 -15.73 -5.18 -18.50
CA SER A 163 -15.96 -4.77 -19.88
C SER A 163 -17.20 -3.90 -19.99
N SER A 168 -23.48 -5.16 -18.84
CA SER A 168 -23.16 -6.55 -18.60
C SER A 168 -23.05 -6.84 -17.11
N LEU A 169 -23.33 -8.09 -16.72
CA LEU A 169 -23.25 -8.48 -15.33
C LEU A 169 -21.84 -8.36 -14.79
N GLY A 170 -21.71 -7.88 -13.56
CA GLY A 170 -20.41 -7.75 -12.94
C GLY A 170 -20.05 -9.05 -12.29
N GLY A 171 -20.94 -9.53 -11.44
CA GLY A 171 -20.74 -10.80 -10.75
C GLY A 171 -21.95 -11.13 -9.90
N GLN A 172 -22.04 -12.40 -9.53
CA GLN A 172 -23.20 -12.91 -8.81
C GLN A 172 -22.79 -13.95 -7.78
N ILE A 173 -23.38 -13.85 -6.59
CA ILE A 173 -23.27 -14.85 -5.54
C ILE A 173 -24.67 -15.40 -5.27
N VAL A 174 -24.76 -16.72 -5.14
CA VAL A 174 -26.03 -17.41 -4.91
C VAL A 174 -25.97 -18.08 -3.55
N LEU A 175 -26.98 -17.83 -2.71
CA LEU A 175 -27.11 -18.47 -1.40
C LEU A 175 -28.11 -19.60 -1.51
N GLY A 176 -27.67 -20.82 -1.21
CA GLY A 176 -28.53 -21.98 -1.27
C GLY A 176 -28.34 -22.86 -2.49
N GLY A 177 -27.50 -22.46 -3.43
CA GLY A 177 -27.28 -23.25 -4.62
C GLY A 177 -26.38 -22.51 -5.59
N SER A 178 -26.37 -23.01 -6.83
CA SER A 178 -25.59 -22.42 -7.91
C SER A 178 -26.52 -22.10 -9.07
N ASP A 179 -26.04 -21.22 -9.96
CA ASP A 179 -26.81 -20.79 -11.11
C ASP A 179 -26.27 -21.48 -12.36
N PRO A 180 -26.99 -22.44 -12.95
CA PRO A 180 -26.47 -23.11 -14.15
C PRO A 180 -26.17 -22.18 -15.30
N GLN A 181 -26.76 -20.98 -15.31
CA GLN A 181 -26.54 -20.06 -16.42
C GLN A 181 -25.08 -19.64 -16.52
N HIS A 182 -24.40 -19.50 -15.38
CA HIS A 182 -23.04 -18.96 -15.35
C HIS A 182 -21.95 -20.01 -15.28
N TYR A 183 -22.29 -21.30 -15.31
CA TYR A 183 -21.28 -22.35 -15.40
C TYR A 183 -21.75 -23.41 -16.38
N GLU A 184 -20.78 -24.12 -16.96
CA GLU A 184 -21.08 -25.18 -17.92
C GLU A 184 -20.48 -26.49 -17.42
N GLY A 185 -21.02 -27.59 -17.94
CA GLY A 185 -20.62 -28.90 -17.47
C GLY A 185 -21.14 -29.17 -16.06
N ASN A 186 -20.41 -30.01 -15.33
CA ASN A 186 -20.77 -30.39 -13.98
C ASN A 186 -19.66 -29.95 -13.03
N PHE A 187 -20.03 -29.80 -11.75
CA PHE A 187 -19.06 -29.42 -10.74
C PHE A 187 -18.13 -30.57 -10.41
N HIS A 188 -16.83 -30.28 -10.35
CA HIS A 188 -15.84 -31.21 -9.81
C HIS A 188 -15.55 -30.78 -8.38
N TYR A 189 -15.80 -31.68 -7.43
CA TYR A 189 -15.77 -31.34 -6.02
C TYR A 189 -14.49 -31.83 -5.37
N ILE A 190 -14.01 -31.05 -4.41
CA ILE A 190 -12.79 -31.35 -3.67
C ILE A 190 -13.06 -31.10 -2.19
N ASN A 191 -12.71 -32.06 -1.35
CA ASN A 191 -12.97 -31.96 0.08
C ASN A 191 -12.01 -30.96 0.73
N LEU A 192 -12.48 -30.33 1.81
CA LEU A 192 -11.62 -29.48 2.62
C LEU A 192 -10.71 -30.34 3.48
N ILE A 193 -9.46 -29.89 3.62
CA ILE A 193 -8.52 -30.57 4.51
C ILE A 193 -9.14 -30.71 5.89
N LYS A 194 -9.69 -29.63 6.41
CA LYS A 194 -10.37 -29.64 7.69
C LYS A 194 -11.45 -28.57 7.70
N THR A 195 -12.40 -28.73 8.61
CA THR A 195 -13.42 -27.71 8.82
C THR A 195 -12.81 -26.48 9.48
N GLY A 196 -13.44 -25.34 9.26
CA GLY A 196 -13.03 -24.08 9.86
C GLY A 196 -12.38 -23.11 8.88
N VAL A 197 -11.92 -23.60 7.73
CA VAL A 197 -11.31 -22.75 6.71
C VAL A 197 -11.67 -23.35 5.36
N TRP A 198 -11.79 -22.49 4.35
CA TRP A 198 -12.00 -22.98 3.00
C TRP A 198 -10.61 -23.16 2.40
N GLN A 199 -10.12 -24.39 2.42
CA GLN A 199 -8.77 -24.68 1.98
C GLN A 199 -8.73 -26.12 1.50
N ILE A 200 -7.99 -26.37 0.42
CA ILE A 200 -7.93 -27.69 -0.17
C ILE A 200 -6.48 -28.04 -0.49
N GLN A 201 -6.19 -29.34 -0.51
CA GLN A 201 -4.86 -29.80 -0.86
C GLN A 201 -4.59 -29.57 -2.34
N MET A 202 -3.43 -28.98 -2.64
CA MET A 202 -2.98 -28.77 -4.01
C MET A 202 -1.78 -29.67 -4.27
N LYS A 203 -1.84 -30.46 -5.34
CA LYS A 203 -0.81 -31.46 -5.61
C LYS A 203 0.34 -30.92 -6.46
N GLY A 204 0.36 -29.63 -6.74
CA GLY A 204 1.48 -29.05 -7.46
C GLY A 204 1.03 -27.91 -8.35
N VAL A 205 2.04 -27.20 -8.87
CA VAL A 205 1.85 -25.99 -9.67
C VAL A 205 2.75 -26.10 -10.89
N SER A 206 2.18 -25.89 -12.07
CA SER A 206 2.92 -26.07 -13.32
C SER A 206 3.03 -24.75 -14.08
N VAL A 207 4.22 -24.53 -14.63
CA VAL A 207 4.47 -23.48 -15.61
C VAL A 207 4.74 -24.18 -16.94
N GLY A 208 3.81 -24.06 -17.87
CA GLY A 208 3.93 -24.78 -19.14
C GLY A 208 3.84 -26.28 -18.94
N SER A 209 4.81 -27.01 -19.49
CA SER A 209 4.74 -28.47 -19.50
C SER A 209 5.20 -29.09 -18.18
N SER A 210 6.14 -28.48 -17.48
CA SER A 210 6.75 -29.06 -16.30
C SER A 210 6.13 -28.47 -15.04
N THR A 211 5.98 -29.30 -14.00
CA THR A 211 5.46 -28.84 -12.72
C THR A 211 6.63 -28.43 -11.86
N LEU A 212 6.82 -27.12 -11.70
CA LEU A 212 8.01 -26.55 -11.07
C LEU A 212 7.87 -26.23 -9.59
N LEU A 213 6.65 -26.25 -9.04
CA LEU A 213 6.42 -25.75 -7.70
C LEU A 213 5.45 -26.66 -6.97
N CYS A 214 5.42 -26.54 -5.64
CA CYS A 214 4.45 -27.29 -4.83
C CYS A 214 4.55 -28.78 -5.15
N GLU A 215 5.79 -29.22 -5.39
CA GLU A 215 6.03 -30.55 -5.94
C GLU A 215 5.52 -31.65 -5.01
N ASP A 216 5.74 -31.51 -3.71
CA ASP A 216 5.25 -32.48 -2.73
C ASP A 216 3.88 -32.11 -2.17
N GLY A 217 3.25 -31.07 -2.69
CA GLY A 217 1.95 -30.67 -2.20
C GLY A 217 2.04 -29.43 -1.33
N CYS A 218 0.95 -28.66 -1.33
CA CYS A 218 0.88 -27.42 -0.58
C CYS A 218 -0.59 -27.10 -0.33
N LEU A 219 -0.84 -26.00 0.36
CA LEU A 219 -2.18 -25.59 0.73
C LEU A 219 -2.70 -24.55 -0.24
N ALA A 220 -3.99 -24.63 -0.54
CA ALA A 220 -4.66 -23.66 -1.41
C ALA A 220 -5.90 -23.14 -0.70
N LEU A 221 -5.87 -21.86 -0.35
CA LEU A 221 -7.02 -21.18 0.24
C LEU A 221 -7.82 -20.54 -0.89
N VAL A 222 -9.08 -20.96 -1.04
CA VAL A 222 -9.95 -20.34 -2.04
C VAL A 222 -10.54 -19.09 -1.38
N ASP A 223 -10.17 -17.93 -1.90
CA ASP A 223 -10.45 -16.65 -1.24
C ASP A 223 -11.24 -15.77 -2.19
N THR A 224 -12.51 -15.52 -1.86
CA THR A 224 -13.34 -14.64 -2.68
C THR A 224 -13.03 -13.18 -2.44
N GLY A 225 -12.35 -12.85 -1.35
CA GLY A 225 -11.90 -11.50 -1.09
C GLY A 225 -10.53 -11.18 -1.63
N ALA A 226 -9.80 -12.20 -2.09
CA ALA A 226 -8.49 -12.01 -2.68
C ALA A 226 -8.63 -11.48 -4.10
N SER A 227 -7.92 -10.39 -4.40
CA SER A 227 -7.96 -9.80 -5.74
C SER A 227 -7.11 -10.62 -6.72
N TYR A 228 -5.91 -10.99 -6.30
CA TYR A 228 -4.98 -11.76 -7.11
C TYR A 228 -4.91 -13.20 -6.62
N ILE A 229 -4.11 -14.01 -7.30
CA ILE A 229 -3.60 -15.27 -6.76
C ILE A 229 -2.31 -14.95 -6.03
N SER A 230 -2.14 -15.50 -4.82
CA SER A 230 -0.95 -15.22 -4.05
C SER A 230 -0.36 -16.52 -3.52
N GLY A 231 0.96 -16.66 -3.66
CA GLY A 231 1.71 -17.74 -3.06
C GLY A 231 2.77 -17.20 -2.12
N SER A 232 3.45 -18.14 -1.47
CA SER A 232 4.55 -17.78 -0.59
C SER A 232 5.65 -17.09 -1.41
N THR A 233 6.37 -16.17 -0.76
CA THR A 233 7.43 -15.44 -1.44
C THR A 233 8.39 -16.39 -2.14
N SER A 234 8.76 -17.49 -1.49
CA SER A 234 9.64 -18.47 -2.11
C SER A 234 9.04 -18.99 -3.41
N SER A 235 7.77 -19.40 -3.37
CA SER A 235 7.13 -19.94 -4.56
C SER A 235 7.04 -18.88 -5.66
N ILE A 236 6.56 -17.69 -5.32
CA ILE A 236 6.34 -16.66 -6.33
C ILE A 236 7.66 -16.26 -6.97
N GLU A 237 8.70 -16.06 -6.15
CA GLU A 237 10.00 -15.66 -6.69
C GLU A 237 10.46 -16.61 -7.79
N LYS A 238 10.21 -17.91 -7.61
CA LYS A 238 10.57 -18.88 -8.63
C LYS A 238 9.59 -18.86 -9.80
N LEU A 239 8.31 -18.57 -9.55
CA LEU A 239 7.33 -18.53 -10.63
C LEU A 239 7.62 -17.37 -11.56
N MET A 240 7.84 -16.18 -11.01
CA MET A 240 8.08 -15.01 -11.84
C MET A 240 9.40 -15.13 -12.58
N GLU A 241 10.42 -15.71 -11.94
CA GLU A 241 11.68 -15.94 -12.63
C GLU A 241 11.47 -16.84 -13.85
N ALA A 242 10.61 -17.85 -13.73
CA ALA A 242 10.33 -18.72 -14.87
C ALA A 242 9.55 -18.00 -15.94
N LEU A 243 8.68 -17.06 -15.56
CA LEU A 243 7.92 -16.26 -16.52
C LEU A 243 8.70 -15.07 -17.05
N GLY A 244 9.90 -14.80 -16.51
CA GLY A 244 10.64 -13.63 -16.91
C GLY A 244 10.04 -12.32 -16.47
N ALA A 245 9.17 -12.33 -15.46
CA ALA A 245 8.56 -11.11 -14.96
C ALA A 245 9.54 -10.36 -14.06
N LYS A 246 9.36 -9.04 -14.00
CA LYS A 246 10.21 -8.17 -13.20
C LYS A 246 9.42 -7.58 -12.04
N LYS A 247 10.08 -7.45 -10.88
CA LYS A 247 9.43 -6.97 -9.67
C LYS A 247 9.50 -5.46 -9.58
N ARG A 248 8.34 -4.82 -9.43
CA ARG A 248 8.25 -3.41 -9.12
C ARG A 248 8.20 -3.22 -7.60
N LEU A 249 7.89 -2.01 -7.15
CA LEU A 249 7.59 -1.79 -5.74
C LEU A 249 6.38 -2.61 -5.32
N PHE A 250 5.26 -2.43 -6.03
CA PHE A 250 4.03 -3.18 -5.72
C PHE A 250 3.97 -4.49 -6.49
N ASP A 251 3.84 -4.42 -7.82
CA ASP A 251 3.42 -5.56 -8.62
C ASP A 251 4.59 -6.23 -9.30
N TYR A 252 4.29 -7.33 -9.99
CA TYR A 252 5.19 -7.93 -10.96
C TYR A 252 4.69 -7.56 -12.37
N VAL A 253 5.63 -7.20 -13.24
CA VAL A 253 5.28 -6.72 -14.57
C VAL A 253 6.06 -7.49 -15.62
N VAL A 254 5.56 -7.42 -16.85
CA VAL A 254 6.25 -7.95 -18.02
C VAL A 254 5.96 -7.00 -19.18
N LYS A 255 6.84 -6.98 -20.16
CA LYS A 255 6.60 -6.20 -21.36
C LYS A 255 5.26 -6.58 -21.96
N CYS A 256 4.41 -5.58 -22.16
CA CYS A 256 3.02 -5.84 -22.55
C CYS A 256 2.93 -6.65 -23.83
N ASN A 257 3.91 -6.53 -24.73
CA ASN A 257 3.87 -7.29 -25.96
C ASN A 257 4.16 -8.77 -25.72
N GLU A 258 4.94 -9.09 -24.70
CA GLU A 258 5.30 -10.46 -24.41
C GLU A 258 4.23 -11.21 -23.61
N GLY A 259 3.24 -10.49 -23.06
CA GLY A 259 2.23 -11.10 -22.23
C GLY A 259 1.54 -12.28 -22.88
N PRO A 260 0.99 -12.08 -24.09
CA PRO A 260 0.26 -13.19 -24.73
C PRO A 260 1.10 -14.42 -25.00
N THR A 261 2.43 -14.28 -25.01
CA THR A 261 3.31 -15.41 -25.27
C THR A 261 3.79 -16.10 -24.00
N LEU A 262 3.40 -15.60 -22.83
CA LEU A 262 3.79 -16.26 -21.59
C LEU A 262 3.15 -17.64 -21.51
N PRO A 263 3.79 -18.59 -20.85
CA PRO A 263 3.24 -19.95 -20.78
C PRO A 263 2.03 -20.00 -19.88
N ASP A 264 1.31 -21.12 -19.97
CA ASP A 264 0.16 -21.33 -19.13
C ASP A 264 0.60 -21.65 -17.70
N ILE A 265 -0.30 -21.39 -16.76
CA ILE A 265 -0.11 -21.75 -15.36
C ILE A 265 -1.25 -22.67 -14.97
N SER A 266 -0.91 -23.86 -14.48
CA SER A 266 -1.89 -24.86 -14.11
C SER A 266 -1.78 -25.16 -12.62
N PHE A 267 -2.93 -25.30 -11.97
CA PHE A 267 -2.99 -25.72 -10.57
C PHE A 267 -3.68 -27.08 -10.52
N HIS A 268 -3.00 -28.06 -9.94
CA HIS A 268 -3.50 -29.43 -9.89
C HIS A 268 -4.28 -29.63 -8.60
N LEU A 269 -5.60 -29.81 -8.73
CA LEU A 269 -6.49 -29.96 -7.60
C LEU A 269 -7.38 -31.17 -7.82
N GLY A 270 -7.51 -32.00 -6.79
CA GLY A 270 -8.35 -33.19 -6.91
C GLY A 270 -8.05 -34.02 -8.13
N GLY A 271 -6.78 -34.14 -8.51
CA GLY A 271 -6.39 -34.94 -9.64
C GLY A 271 -6.62 -34.31 -10.99
N LYS A 272 -7.19 -33.12 -11.06
CA LYS A 272 -7.48 -32.45 -12.31
C LYS A 272 -6.58 -31.22 -12.47
N GLU A 273 -6.30 -30.88 -13.74
CA GLU A 273 -5.47 -29.74 -14.07
C GLU A 273 -6.34 -28.51 -14.29
N TYR A 274 -6.11 -27.46 -13.52
CA TYR A 274 -6.82 -26.19 -13.65
C TYR A 274 -5.85 -25.17 -14.24
N THR A 275 -6.08 -24.78 -15.49
CA THR A 275 -5.13 -23.99 -16.25
C THR A 275 -5.60 -22.55 -16.38
N LEU A 276 -4.66 -21.62 -16.28
CA LEU A 276 -4.91 -20.21 -16.53
C LEU A 276 -3.91 -19.74 -17.59
N THR A 277 -4.42 -19.36 -18.75
CA THR A 277 -3.59 -18.84 -19.82
C THR A 277 -3.16 -17.41 -19.51
N SER A 278 -2.10 -16.98 -20.18
CA SER A 278 -1.60 -15.62 -20.00
C SER A 278 -2.72 -14.59 -20.18
N ALA A 279 -3.70 -14.90 -21.03
CA ALA A 279 -4.84 -14.00 -21.18
C ALA A 279 -5.64 -13.91 -19.89
N ASP A 280 -5.60 -14.96 -19.05
CA ASP A 280 -6.38 -14.96 -17.82
C ASP A 280 -5.70 -14.14 -16.72
N TYR A 281 -4.40 -14.36 -16.50
CA TYR A 281 -3.74 -13.81 -15.32
C TYR A 281 -2.98 -12.53 -15.59
N VAL A 282 -3.03 -11.97 -16.80
CA VAL A 282 -2.32 -10.75 -17.14
C VAL A 282 -3.33 -9.64 -17.40
N PHE A 283 -3.06 -8.46 -16.84
CA PHE A 283 -3.80 -7.27 -17.22
C PHE A 283 -3.15 -6.69 -18.47
N GLN A 284 -3.88 -6.66 -19.58
CA GLN A 284 -3.36 -6.07 -20.81
C GLN A 284 -4.09 -4.74 -21.01
N GLU A 285 -3.41 -3.64 -20.68
CA GLU A 285 -3.89 -2.32 -21.02
C GLU A 285 -3.47 -1.91 -22.42
N SER A 286 -2.28 -2.33 -22.82
CA SER A 286 -1.75 -2.12 -24.16
C SER A 286 -0.90 -3.32 -24.52
N TYR A 287 -0.66 -3.50 -25.81
CA TYR A 287 0.26 -4.52 -26.30
C TYR A 287 1.64 -3.95 -26.65
N SER A 288 1.86 -2.65 -26.40
CA SER A 288 3.11 -2.01 -26.79
C SER A 288 4.29 -2.61 -26.05
N SER A 289 5.40 -2.77 -26.77
CA SER A 289 6.66 -3.21 -26.17
C SER A 289 7.29 -2.13 -25.31
N LYS A 290 6.82 -0.89 -25.38
CA LYS A 290 7.36 0.20 -24.60
C LYS A 290 6.63 0.42 -23.29
N LYS A 291 5.66 -0.44 -22.95
CA LYS A 291 4.89 -0.31 -21.73
C LYS A 291 4.94 -1.62 -20.96
N LEU A 292 4.81 -1.52 -19.64
CA LEU A 292 4.82 -2.68 -18.76
C LEU A 292 3.40 -2.98 -18.29
N CYS A 293 3.05 -4.27 -18.29
CA CYS A 293 1.71 -4.73 -17.93
C CYS A 293 1.76 -5.51 -16.63
N THR A 294 0.79 -5.24 -15.76
CA THR A 294 0.76 -5.86 -14.44
C THR A 294 0.28 -7.30 -14.52
N LEU A 295 0.85 -8.13 -13.66
CA LEU A 295 0.43 -9.50 -13.50
C LEU A 295 -0.56 -9.61 -12.34
N ALA A 296 -1.50 -10.54 -12.48
CA ALA A 296 -2.54 -10.76 -11.50
C ALA A 296 -2.08 -11.66 -10.37
N ILE A 297 -0.78 -11.94 -10.29
CA ILE A 297 -0.19 -12.76 -9.25
C ILE A 297 0.83 -11.93 -8.50
N HIS A 298 0.97 -12.23 -7.20
CA HIS A 298 2.03 -11.65 -6.38
C HIS A 298 2.21 -12.52 -5.15
N ALA A 299 3.17 -12.15 -4.31
CA ALA A 299 3.52 -12.94 -3.13
C ALA A 299 2.88 -12.36 -1.88
N MET A 300 2.23 -13.23 -1.11
CA MET A 300 1.76 -12.89 0.23
C MET A 300 2.07 -14.08 1.12
N ASP A 301 2.79 -13.84 2.21
CA ASP A 301 3.11 -14.89 3.17
C ASP A 301 2.05 -14.89 4.27
N ILE A 302 1.22 -15.92 4.27
CA ILE A 302 0.14 -16.04 5.24
C ILE A 302 0.69 -16.76 6.47
N PRO A 303 0.56 -16.21 7.67
CA PRO A 303 1.12 -16.85 8.85
C PRO A 303 0.30 -18.05 9.28
N PRO A 304 0.91 -19.05 9.92
CA PRO A 304 0.12 -20.15 10.49
C PRO A 304 -0.89 -19.64 11.50
N PRO A 305 -1.92 -20.45 11.83
CA PRO A 305 -2.17 -21.81 11.35
C PRO A 305 -2.65 -21.88 9.90
N THR A 306 -3.15 -20.77 9.38
CA THR A 306 -3.71 -20.77 8.03
C THR A 306 -2.62 -21.03 6.99
N GLY A 307 -1.49 -20.35 7.12
CA GLY A 307 -0.40 -20.51 6.17
C GLY A 307 0.74 -21.35 6.73
N PRO A 308 1.81 -21.53 5.93
CA PRO A 308 1.94 -20.96 4.58
C PRO A 308 1.00 -21.62 3.59
N THR A 309 0.36 -20.82 2.74
CA THR A 309 -0.63 -21.36 1.81
C THR A 309 -0.71 -20.46 0.59
N TRP A 310 -1.11 -21.07 -0.53
CA TRP A 310 -1.54 -20.29 -1.69
C TRP A 310 -2.93 -19.73 -1.43
N ALA A 311 -3.24 -18.63 -2.11
CA ALA A 311 -4.57 -18.05 -2.10
C ALA A 311 -5.05 -17.96 -3.55
N LEU A 312 -6.19 -18.57 -3.83
CA LEU A 312 -6.79 -18.51 -5.15
C LEU A 312 -7.87 -17.44 -5.09
N GLY A 313 -7.61 -16.30 -5.72
CA GLY A 313 -8.48 -15.15 -5.64
C GLY A 313 -9.31 -14.97 -6.89
N ALA A 314 -9.71 -13.71 -7.14
CA ALA A 314 -10.56 -13.42 -8.28
C ALA A 314 -9.95 -13.89 -9.58
N THR A 315 -8.62 -13.83 -9.71
CA THR A 315 -7.97 -14.34 -10.91
C THR A 315 -8.39 -15.77 -11.19
N PHE A 316 -8.43 -16.61 -10.15
CA PHE A 316 -8.82 -18.00 -10.33
C PHE A 316 -10.34 -18.13 -10.46
N ILE A 317 -11.08 -17.46 -9.57
CA ILE A 317 -12.54 -17.59 -9.58
C ILE A 317 -13.11 -17.11 -10.91
N ARG A 318 -12.49 -16.10 -11.51
CA ARG A 318 -13.01 -15.53 -12.75
C ARG A 318 -13.24 -16.61 -13.80
N LYS A 319 -12.27 -17.51 -13.96
CA LYS A 319 -12.40 -18.57 -14.96
C LYS A 319 -13.26 -19.73 -14.47
N PHE A 320 -13.19 -20.05 -13.18
CA PHE A 320 -13.85 -21.23 -12.63
C PHE A 320 -14.94 -20.81 -11.64
N TYR A 321 -16.19 -21.04 -12.02
CA TYR A 321 -17.31 -20.87 -11.10
C TYR A 321 -17.11 -21.76 -9.88
N THR A 322 -17.24 -21.16 -8.69
CA THR A 322 -16.92 -21.83 -7.44
C THR A 322 -18.17 -22.02 -6.59
N GLU A 323 -18.38 -23.25 -6.12
CA GLU A 323 -19.45 -23.58 -5.19
C GLU A 323 -18.83 -23.99 -3.86
N PHE A 324 -19.28 -23.35 -2.78
CA PHE A 324 -18.80 -23.64 -1.44
C PHE A 324 -19.88 -24.44 -0.70
N ASP A 325 -19.53 -25.66 -0.28
CA ASP A 325 -20.47 -26.60 0.30
C ASP A 325 -20.18 -26.73 1.79
N ARG A 326 -21.13 -26.27 2.62
CA ARG A 326 -21.00 -26.41 4.07
C ARG A 326 -21.42 -27.80 4.55
N ARG A 327 -22.51 -28.31 4.00
CA ARG A 327 -23.07 -29.59 4.48
C ARG A 327 -22.07 -30.71 4.31
N ASN A 328 -21.46 -30.82 3.12
CA ASN A 328 -20.51 -31.89 2.82
C ASN A 328 -19.06 -31.48 3.01
N ASN A 329 -18.79 -30.23 3.37
CA ASN A 329 -17.43 -29.74 3.56
C ASN A 329 -16.56 -30.00 2.32
N ARG A 330 -16.90 -29.29 1.25
CA ARG A 330 -16.21 -29.46 -0.02
C ARG A 330 -16.39 -28.21 -0.86
N ILE A 331 -15.54 -28.08 -1.88
CA ILE A 331 -15.58 -26.96 -2.82
C ILE A 331 -15.73 -27.52 -4.23
N GLY A 332 -16.78 -27.10 -4.93
CA GLY A 332 -16.96 -27.47 -6.31
C GLY A 332 -16.34 -26.47 -7.27
N PHE A 333 -15.95 -26.96 -8.45
CA PHE A 333 -15.39 -26.13 -9.49
C PHE A 333 -16.03 -26.45 -10.82
N ALA A 334 -16.39 -25.42 -11.58
CA ALA A 334 -16.97 -25.56 -12.89
C ALA A 334 -16.49 -24.43 -13.79
N LEU A 335 -16.37 -24.73 -15.08
CA LEU A 335 -15.93 -23.71 -16.03
C LEU A 335 -16.92 -22.57 -16.09
N ALA A 336 -16.42 -21.34 -15.88
CA ALA A 336 -17.29 -20.18 -15.80
C ALA A 336 -17.66 -19.72 -17.21
N ARG A 337 -18.86 -19.15 -17.31
CA ARG A 337 -19.34 -18.59 -18.58
C ARG A 337 -20.32 -17.45 -18.33
N GLY B 1 23.20 39.62 1.65
CA GLY B 1 23.63 38.19 1.49
C GLY B 1 23.65 37.43 2.80
N ASN B 2 22.96 37.96 3.81
CA ASN B 2 22.80 37.29 5.10
C ASN B 2 21.33 36.92 5.26
N THR B 3 21.02 35.64 5.13
CA THR B 3 19.65 35.18 5.27
C THR B 3 19.61 33.76 5.82
N THR B 4 18.68 33.53 6.74
CA THR B 4 18.28 32.18 7.14
C THR B 4 16.78 32.19 7.33
N SER B 5 16.07 31.31 6.63
CA SER B 5 14.65 31.13 6.85
C SER B 5 14.36 29.66 7.08
N SER B 6 13.46 29.39 8.02
CA SER B 6 13.09 28.03 8.39
C SER B 6 11.62 27.81 8.10
N VAL B 7 11.27 26.60 7.65
CA VAL B 7 9.90 26.23 7.35
C VAL B 7 9.49 25.13 8.30
N ILE B 8 8.37 25.33 9.01
CA ILE B 8 7.88 24.34 9.95
C ILE B 8 7.21 23.21 9.18
N LEU B 9 7.47 21.98 9.61
CA LEU B 9 6.95 20.79 8.96
C LEU B 9 6.02 20.04 9.91
N THR B 10 4.93 19.50 9.36
CA THR B 10 4.01 18.68 10.12
C THR B 10 4.41 17.22 9.98
N ASN B 11 4.52 16.53 11.12
CA ASN B 11 4.85 15.10 11.14
C ASN B 11 3.55 14.33 11.25
N TYR B 12 3.21 13.60 10.19
CA TYR B 12 2.01 12.76 10.17
C TYR B 12 2.45 11.31 10.36
N MET B 13 2.20 10.77 11.55
CA MET B 13 2.44 9.36 11.86
C MET B 13 3.84 8.92 11.42
N ASP B 14 4.79 9.85 11.51
CA ASP B 14 6.22 9.59 11.27
C ASP B 14 6.54 9.17 9.84
N THR B 15 5.54 9.02 8.97
CA THR B 15 5.81 8.66 7.59
C THR B 15 5.79 9.84 6.62
N GLN B 16 5.05 10.90 6.93
CA GLN B 16 4.92 12.04 6.03
C GLN B 16 5.33 13.31 6.77
N TYR B 17 6.37 13.97 6.24
CA TYR B 17 6.82 15.27 6.75
C TYR B 17 6.69 16.29 5.62
N TYR B 18 5.91 17.34 5.87
CA TYR B 18 5.68 18.33 4.82
C TYR B 18 5.56 19.72 5.43
N GLY B 19 5.88 20.72 4.60
CA GLY B 19 5.73 22.12 4.98
C GLY B 19 4.79 22.87 4.06
N GLU B 20 4.72 24.18 4.19
CA GLU B 20 3.78 25.01 3.44
C GLU B 20 4.53 25.97 2.52
N ILE B 21 4.02 26.13 1.31
CA ILE B 21 4.55 27.10 0.36
C ILE B 21 3.41 27.85 -0.30
N GLY B 22 3.58 29.15 -0.49
CA GLY B 22 2.64 29.94 -1.26
C GLY B 22 3.06 29.99 -2.72
N ILE B 23 2.07 30.15 -3.59
CA ILE B 23 2.32 30.21 -5.04
C ILE B 23 1.49 31.37 -5.61
N GLY B 24 2.17 32.35 -6.20
CA GLY B 24 1.50 33.39 -6.94
C GLY B 24 0.96 34.51 -6.07
N THR B 25 0.41 35.52 -6.75
CA THR B 25 -0.20 36.65 -6.07
C THR B 25 -1.69 36.73 -6.43
N PRO B 26 -2.59 36.51 -5.45
CA PRO B 26 -2.29 36.23 -4.05
C PRO B 26 -1.73 34.82 -3.86
N PRO B 27 -0.98 34.59 -2.78
CA PRO B 27 -0.39 33.26 -2.59
C PRO B 27 -1.46 32.20 -2.43
N GLN B 28 -1.31 31.11 -3.18
CA GLN B 28 -2.14 29.93 -3.03
C GLN B 28 -1.35 28.92 -2.20
N THR B 29 -1.93 28.50 -1.08
CA THR B 29 -1.21 27.67 -0.11
C THR B 29 -1.20 26.21 -0.55
N PHE B 30 -0.09 25.54 -0.31
CA PHE B 30 0.03 24.12 -0.60
C PHE B 30 0.95 23.46 0.41
N LYS B 31 0.57 22.26 0.86
CA LYS B 31 1.43 21.43 1.68
C LYS B 31 2.33 20.59 0.78
N VAL B 32 3.64 20.74 0.94
CA VAL B 32 4.60 20.08 0.06
C VAL B 32 5.64 19.35 0.91
N VAL B 33 6.06 18.19 0.43
CA VAL B 33 7.19 17.46 1.00
C VAL B 33 8.46 17.97 0.33
N PHE B 34 9.49 18.23 1.13
CA PHE B 34 10.76 18.70 0.61
C PHE B 34 11.66 17.48 0.41
N ASP B 35 11.94 17.18 -0.86
CA ASP B 35 12.51 15.88 -1.26
C ASP B 35 13.86 16.11 -1.91
N THR B 36 14.92 15.62 -1.26
CA THR B 36 16.26 15.65 -1.86
C THR B 36 16.46 14.59 -2.93
N GLY B 37 15.50 13.68 -3.10
CA GLY B 37 15.59 12.64 -4.11
C GLY B 37 14.94 12.97 -5.43
N SER B 38 14.35 14.15 -5.58
CA SER B 38 13.77 14.58 -6.84
C SER B 38 14.04 16.07 -7.01
N SER B 39 14.23 16.48 -8.27
CA SER B 39 14.62 17.85 -8.59
C SER B 39 13.46 18.73 -9.03
N ASN B 40 12.25 18.20 -9.16
CA ASN B 40 11.12 18.96 -9.71
C ASN B 40 10.14 19.33 -8.61
N VAL B 41 9.55 20.52 -8.75
CA VAL B 41 8.48 20.99 -7.87
C VAL B 41 7.16 20.87 -8.61
N TRP B 42 6.15 20.29 -7.97
CA TRP B 42 4.87 20.10 -8.61
C TRP B 42 3.75 20.15 -7.58
N VAL B 43 2.60 20.66 -8.02
CA VAL B 43 1.39 20.70 -7.19
C VAL B 43 0.19 20.32 -8.05
N PRO B 44 -0.92 19.96 -7.42
CA PRO B 44 -2.13 19.64 -8.19
C PRO B 44 -2.68 20.87 -8.90
N SER B 45 -3.27 20.63 -10.06
CA SER B 45 -3.73 21.68 -10.95
C SER B 45 -5.26 21.74 -10.97
N SER B 46 -5.77 22.96 -11.19
CA SER B 46 -7.21 23.14 -11.36
C SER B 46 -7.73 22.42 -12.60
N LYS B 47 -6.86 22.12 -13.55
CA LYS B 47 -7.25 21.40 -14.76
C LYS B 47 -7.32 19.89 -14.56
N CYS B 48 -7.06 19.40 -13.35
CA CYS B 48 -7.14 17.96 -13.11
C CYS B 48 -8.59 17.49 -13.14
N SER B 49 -8.84 16.45 -13.93
CA SER B 49 -10.19 15.91 -14.04
C SER B 49 -10.70 15.43 -12.70
N ARG B 50 -12.00 15.59 -12.48
CA ARG B 50 -12.63 15.08 -11.26
C ARG B 50 -12.72 13.55 -11.25
N LEU B 51 -12.43 12.89 -12.38
CA LEU B 51 -12.39 11.44 -12.40
C LEU B 51 -11.27 10.89 -11.53
N TYR B 52 -10.21 11.66 -11.30
CA TYR B 52 -9.20 11.31 -10.30
C TYR B 52 -9.67 11.82 -8.95
N THR B 53 -9.90 10.90 -8.01
CA THR B 53 -10.45 11.27 -6.71
C THR B 53 -9.46 12.08 -5.88
N ALA B 54 -8.15 11.86 -6.08
CA ALA B 54 -7.15 12.57 -5.30
C ALA B 54 -7.27 14.08 -5.49
N CYS B 55 -7.58 14.52 -6.70
CA CYS B 55 -7.73 15.95 -6.97
C CYS B 55 -8.96 16.53 -6.30
N VAL B 56 -9.87 15.70 -5.81
CA VAL B 56 -11.00 16.21 -5.03
C VAL B 56 -10.56 16.51 -3.60
N TYR B 57 -9.70 15.67 -3.04
CA TYR B 57 -9.33 15.74 -1.63
C TYR B 57 -8.08 16.57 -1.36
N HIS B 58 -7.50 17.19 -2.38
CA HIS B 58 -6.34 18.05 -2.20
C HIS B 58 -6.66 19.44 -2.74
N LYS B 59 -5.79 20.39 -2.41
CA LYS B 59 -5.95 21.75 -2.90
C LYS B 59 -5.36 21.85 -4.30
N LEU B 60 -6.07 22.58 -5.16
CA LEU B 60 -5.71 22.68 -6.57
C LEU B 60 -5.17 24.08 -6.86
N PHE B 61 -4.24 24.15 -7.81
CA PHE B 61 -3.72 25.42 -8.28
C PHE B 61 -4.55 25.91 -9.45
N ASP B 62 -5.02 27.15 -9.36
CA ASP B 62 -5.78 27.80 -10.43
C ASP B 62 -4.89 28.88 -11.01
N ALA B 63 -4.42 28.66 -12.24
CA ALA B 63 -3.46 29.59 -12.84
C ALA B 63 -4.08 30.97 -13.02
N SER B 64 -5.36 31.02 -13.36
CA SER B 64 -6.03 32.29 -13.65
C SER B 64 -6.33 33.11 -12.39
N ASP B 65 -6.11 32.55 -11.19
CA ASP B 65 -6.36 33.30 -9.97
C ASP B 65 -5.16 34.14 -9.52
N SER B 66 -4.00 33.96 -10.12
CA SER B 66 -2.80 34.70 -9.78
C SER B 66 -2.31 35.45 -11.01
N SER B 67 -2.15 36.77 -10.87
CA SER B 67 -1.70 37.60 -11.98
C SER B 67 -0.23 37.41 -12.31
N SER B 68 0.55 36.78 -11.42
CA SER B 68 1.96 36.52 -11.67
C SER B 68 2.18 35.22 -12.43
N TYR B 69 1.13 34.49 -12.78
CA TYR B 69 1.26 33.26 -13.55
C TYR B 69 1.80 33.56 -14.95
N LYS B 70 2.66 32.68 -15.45
CA LYS B 70 3.25 32.81 -16.78
C LYS B 70 3.11 31.47 -17.49
N HIS B 71 2.47 31.49 -18.66
CA HIS B 71 2.15 30.25 -19.36
C HIS B 71 3.39 29.61 -19.99
N ASN B 72 3.47 28.29 -19.89
CA ASN B 72 4.43 27.48 -20.64
C ASN B 72 3.70 26.33 -21.32
N GLY B 73 3.18 25.41 -20.52
CA GLY B 73 2.31 24.37 -21.04
C GLY B 73 3.01 23.15 -21.60
N THR B 74 4.30 22.98 -21.33
CA THR B 74 5.02 21.83 -21.83
C THR B 74 4.65 20.59 -21.03
N GLU B 75 4.27 19.53 -21.73
CA GLU B 75 3.88 18.30 -21.05
C GLU B 75 5.05 17.75 -20.25
N LEU B 76 4.75 17.23 -19.06
CA LEU B 76 5.75 16.73 -18.13
C LEU B 76 5.25 15.46 -17.47
N THR B 77 6.13 14.48 -17.37
CA THR B 77 5.81 13.20 -16.74
C THR B 77 6.90 12.89 -15.72
N LEU B 78 6.50 12.68 -14.47
CA LEU B 78 7.42 12.34 -13.39
C LEU B 78 7.12 10.92 -12.93
N ARG B 79 8.17 10.09 -12.85
CA ARG B 79 8.04 8.71 -12.42
C ARG B 79 8.66 8.57 -11.03
N TYR B 80 7.89 8.02 -10.10
CA TYR B 80 8.36 7.64 -8.78
C TYR B 80 8.32 6.12 -8.65
N SER B 81 8.74 5.62 -7.49
CA SER B 81 8.66 4.19 -7.23
C SER B 81 7.22 3.72 -7.28
N THR B 82 6.27 4.60 -6.93
CA THR B 82 4.86 4.23 -6.87
C THR B 82 4.16 4.28 -8.23
N GLY B 83 4.67 5.04 -9.17
CA GLY B 83 3.97 5.23 -10.41
C GLY B 83 4.36 6.56 -11.06
N THR B 84 3.43 7.08 -11.86
CA THR B 84 3.68 8.25 -12.70
C THR B 84 2.62 9.31 -12.46
N VAL B 85 3.04 10.57 -12.48
CA VAL B 85 2.15 11.71 -12.52
C VAL B 85 2.38 12.45 -13.82
N SER B 86 1.34 13.10 -14.32
CA SER B 86 1.40 13.82 -15.59
C SER B 86 0.83 15.22 -15.42
N GLY B 87 1.26 16.10 -16.33
CA GLY B 87 0.81 17.48 -16.27
C GLY B 87 1.60 18.33 -17.26
N PHE B 88 1.60 19.63 -17.01
CA PHE B 88 2.29 20.59 -17.88
C PHE B 88 3.00 21.64 -17.02
N LEU B 89 4.00 22.28 -17.63
CA LEU B 89 4.82 23.26 -16.91
C LEU B 89 4.13 24.61 -16.84
N SER B 90 4.34 25.29 -15.71
CA SER B 90 3.86 26.65 -15.50
C SER B 90 4.93 27.42 -14.75
N GLN B 91 4.76 28.73 -14.71
CA GLN B 91 5.70 29.60 -14.01
C GLN B 91 4.92 30.63 -13.21
N ASP B 92 5.23 30.73 -11.92
CA ASP B 92 4.61 31.71 -11.05
C ASP B 92 5.56 31.98 -9.89
N ILE B 93 5.15 32.87 -8.99
CA ILE B 93 5.96 33.23 -7.84
C ILE B 93 5.68 32.24 -6.72
N ILE B 94 6.74 31.67 -6.15
CA ILE B 94 6.63 30.71 -5.06
C ILE B 94 7.31 31.32 -3.83
N THR B 95 6.59 31.32 -2.71
CA THR B 95 7.14 31.78 -1.44
C THR B 95 7.45 30.57 -0.58
N VAL B 96 8.69 30.50 -0.08
CA VAL B 96 9.12 29.45 0.82
C VAL B 96 9.87 30.10 1.98
N GLY B 97 9.38 29.92 3.19
CA GLY B 97 9.93 30.65 4.32
C GLY B 97 9.81 32.15 4.05
N GLY B 98 10.90 32.87 4.31
CA GLY B 98 10.98 34.28 3.99
C GLY B 98 11.54 34.56 2.62
N ILE B 99 11.69 33.54 1.78
CA ILE B 99 12.32 33.67 0.47
C ILE B 99 11.28 33.46 -0.61
N THR B 100 11.31 34.32 -1.63
CA THR B 100 10.46 34.20 -2.80
C THR B 100 11.34 34.00 -4.04
N VAL B 101 10.84 33.19 -4.97
CA VAL B 101 11.58 32.89 -6.19
C VAL B 101 10.59 32.76 -7.34
N THR B 102 11.03 33.15 -8.53
CA THR B 102 10.29 32.89 -9.76
C THR B 102 10.70 31.50 -10.25
N GLN B 103 9.72 30.60 -10.37
CA GLN B 103 10.02 29.18 -10.48
C GLN B 103 9.14 28.54 -11.54
N MET B 104 9.75 27.66 -12.34
CA MET B 104 9.03 26.79 -13.25
C MET B 104 8.66 25.52 -12.49
N PHE B 105 7.37 25.25 -12.39
CA PHE B 105 6.88 24.08 -11.67
C PHE B 105 5.85 23.37 -12.52
N GLY B 106 5.58 22.11 -12.17
CA GLY B 106 4.59 21.33 -12.88
C GLY B 106 3.20 21.55 -12.31
N GLU B 107 2.21 21.52 -13.21
CA GLU B 107 0.80 21.48 -12.84
C GLU B 107 0.31 20.08 -13.16
N VAL B 108 0.06 19.29 -12.12
CA VAL B 108 -0.23 17.86 -12.29
C VAL B 108 -1.73 17.71 -12.57
N THR B 109 -2.03 17.17 -13.75
CA THR B 109 -3.41 16.85 -14.12
C THR B 109 -3.75 15.37 -13.94
N GLU B 110 -2.80 14.52 -13.54
CA GLU B 110 -3.05 13.11 -13.34
C GLU B 110 -2.43 12.65 -12.03
N MET B 111 -3.29 12.22 -11.09
CA MET B 111 -2.86 11.76 -9.77
C MET B 111 -3.59 10.45 -9.45
N PRO B 112 -3.01 9.30 -9.79
CA PRO B 112 -3.68 8.03 -9.50
C PRO B 112 -4.06 7.93 -8.04
N ALA B 113 -5.13 7.18 -7.77
CA ALA B 113 -5.56 6.98 -6.39
C ALA B 113 -4.43 6.42 -5.55
N LEU B 114 -3.78 5.37 -6.05
CA LEU B 114 -2.61 4.81 -5.40
C LEU B 114 -1.35 5.46 -5.97
N PRO B 115 -0.49 6.02 -5.11
CA PRO B 115 -0.53 6.28 -3.68
C PRO B 115 -1.38 7.47 -3.21
N PHE B 116 -1.69 8.39 -4.13
CA PHE B 116 -1.96 9.77 -3.72
C PHE B 116 -3.26 9.94 -2.94
N MET B 117 -4.17 8.97 -2.95
CA MET B 117 -5.29 9.04 -2.04
C MET B 117 -4.87 8.81 -0.59
N LEU B 118 -3.62 8.40 -0.37
CA LEU B 118 -3.05 8.24 0.95
C LEU B 118 -2.20 9.44 1.38
N ALA B 119 -2.11 10.48 0.55
CA ALA B 119 -1.19 11.59 0.78
C ALA B 119 -1.82 12.68 1.64
N GLU B 120 -1.15 13.02 2.75
CA GLU B 120 -1.49 14.20 3.52
C GLU B 120 -0.89 15.47 2.96
N PHE B 121 -0.03 15.37 1.96
CA PHE B 121 0.61 16.52 1.33
C PHE B 121 -0.02 16.76 -0.03
N ASP B 122 -0.08 18.04 -0.42
CA ASP B 122 -0.63 18.39 -1.73
C ASP B 122 0.39 18.16 -2.83
N GLY B 123 1.66 18.45 -2.58
CA GLY B 123 2.67 18.47 -3.63
C GLY B 123 4.07 18.22 -3.13
N VAL B 124 5.06 18.43 -4.00
CA VAL B 124 6.45 18.11 -3.70
C VAL B 124 7.34 19.28 -4.12
N VAL B 125 8.36 19.55 -3.32
CA VAL B 125 9.41 20.50 -3.66
C VAL B 125 10.70 19.72 -3.80
N GLY B 126 11.17 19.57 -5.03
CA GLY B 126 12.41 18.85 -5.28
C GLY B 126 13.62 19.66 -4.82
N MET B 127 14.44 19.09 -3.95
CA MET B 127 15.69 19.70 -3.54
C MET B 127 16.90 19.15 -4.28
N GLY B 128 16.70 18.26 -5.23
CA GLY B 128 17.80 17.64 -5.95
C GLY B 128 18.44 18.58 -6.96
N PHE B 129 19.52 18.09 -7.56
CA PHE B 129 20.30 18.83 -8.53
C PHE B 129 19.57 18.91 -9.87
N ILE B 130 19.96 19.87 -10.69
CA ILE B 130 19.41 20.00 -12.03
C ILE B 130 19.67 18.75 -12.86
N GLU B 131 20.71 17.98 -12.52
CA GLU B 131 20.99 16.76 -13.27
C GLU B 131 19.81 15.80 -13.24
N GLN B 132 19.01 15.84 -12.17
CA GLN B 132 17.87 14.95 -12.01
C GLN B 132 16.56 15.58 -12.45
N ALA B 133 16.57 16.82 -12.93
CA ALA B 133 15.33 17.52 -13.23
C ALA B 133 14.76 17.04 -14.56
N ILE B 134 13.53 16.53 -14.53
CA ILE B 134 12.82 16.16 -15.74
C ILE B 134 12.47 17.42 -16.52
N GLY B 135 12.74 17.41 -17.82
CA GLY B 135 12.54 18.59 -18.62
C GLY B 135 13.62 19.64 -18.50
N ARG B 136 14.70 19.35 -17.77
CA ARG B 136 15.84 20.26 -17.64
C ARG B 136 15.44 21.60 -17.02
N VAL B 137 14.38 21.62 -16.22
CA VAL B 137 13.96 22.85 -15.55
C VAL B 137 14.87 23.09 -14.35
N THR B 138 15.27 24.35 -14.17
CA THR B 138 16.16 24.70 -13.07
C THR B 138 15.51 24.33 -11.74
N PRO B 139 16.21 23.63 -10.85
CA PRO B 139 15.61 23.32 -9.54
C PRO B 139 15.39 24.56 -8.71
N ILE B 140 14.47 24.43 -7.75
CA ILE B 140 14.06 25.59 -6.96
C ILE B 140 15.22 26.14 -6.13
N PHE B 141 16.01 25.25 -5.52
CA PHE B 141 17.09 25.72 -4.67
C PHE B 141 18.16 26.43 -5.47
N ASP B 142 18.40 26.02 -6.71
CA ASP B 142 19.36 26.72 -7.56
C ASP B 142 18.91 28.15 -7.82
N ASN B 143 17.62 28.34 -8.09
CA ASN B 143 17.10 29.70 -8.26
C ASN B 143 17.29 30.52 -6.99
N ILE B 144 17.25 29.88 -5.83
CA ILE B 144 17.49 30.60 -4.58
C ILE B 144 18.96 31.00 -4.48
N ILE B 145 19.86 30.11 -4.91
CA ILE B 145 21.29 30.46 -4.95
C ILE B 145 21.50 31.72 -5.76
N SER B 146 20.90 31.78 -6.95
CA SER B 146 21.11 32.90 -7.85
C SER B 146 20.81 34.25 -7.19
N GLN B 147 19.84 34.26 -6.26
CA GLN B 147 19.52 35.51 -5.57
C GLN B 147 20.63 35.95 -4.63
N GLY B 148 21.55 35.06 -4.27
CA GLY B 148 22.65 35.41 -3.40
C GLY B 148 22.25 35.96 -2.06
N VAL B 149 21.00 35.72 -1.63
CA VAL B 149 20.56 36.18 -0.32
C VAL B 149 20.98 35.24 0.80
N LEU B 150 21.27 33.98 0.49
CA LEU B 150 21.53 32.99 1.53
C LEU B 150 22.84 33.29 2.25
N LYS B 151 22.83 33.08 3.57
CA LYS B 151 24.06 33.21 4.36
C LYS B 151 25.13 32.25 3.85
N GLU B 152 24.76 30.99 3.64
CA GLU B 152 25.62 29.99 3.04
C GLU B 152 24.81 29.25 2.00
N ASP B 153 25.48 28.54 1.09
CA ASP B 153 24.74 27.73 0.13
C ASP B 153 24.61 26.37 0.81
N VAL B 154 23.48 26.17 1.48
CA VAL B 154 23.27 24.99 2.32
C VAL B 154 21.79 24.90 2.60
N PHE B 155 21.32 23.69 2.92
CA PHE B 155 20.00 23.52 3.51
C PHE B 155 20.06 22.30 4.41
N SER B 156 19.31 22.35 5.51
CA SER B 156 19.36 21.31 6.52
C SER B 156 17.95 20.83 6.83
N PHE B 157 17.86 19.62 7.38
CA PHE B 157 16.60 18.99 7.68
C PHE B 157 16.58 18.53 9.14
N TYR B 158 15.42 18.67 9.77
CA TYR B 158 15.20 18.16 11.12
C TYR B 158 13.85 17.43 11.15
N TYR B 159 13.89 16.15 11.44
CA TYR B 159 12.68 15.35 11.60
C TYR B 159 12.56 14.91 13.05
N ASN B 160 11.35 15.04 13.60
CA ASN B 160 11.08 14.76 14.99
C ASN B 160 10.28 13.47 15.12
N ARG B 161 10.38 12.85 16.29
CA ARG B 161 9.55 11.69 16.59
C ARG B 161 8.18 12.17 17.06
N ASP B 162 7.14 11.47 16.63
CA ASP B 162 5.78 11.97 16.78
C ASP B 162 5.28 11.82 18.22
N SER B 163 4.98 12.95 18.87
CA SER B 163 4.09 12.90 20.02
C SER B 163 3.18 14.12 20.05
N SER B 168 4.58 18.51 19.72
CA SER B 168 5.70 19.41 19.57
C SER B 168 5.91 19.78 18.10
N LEU B 169 7.06 20.39 17.81
CA LEU B 169 7.40 20.78 16.46
C LEU B 169 7.60 19.52 15.63
N GLY B 170 6.86 19.42 14.53
CA GLY B 170 6.90 18.20 13.74
C GLY B 170 8.23 18.04 13.02
N GLY B 171 8.70 19.10 12.40
CA GLY B 171 9.97 19.07 11.71
C GLY B 171 10.27 20.46 11.15
N GLN B 172 11.54 20.66 10.83
CA GLN B 172 11.99 21.96 10.36
C GLN B 172 13.05 21.78 9.29
N ILE B 173 12.93 22.57 8.23
CA ILE B 173 13.95 22.69 7.20
C ILE B 173 14.46 24.12 7.23
N VAL B 174 15.78 24.28 7.18
CA VAL B 174 16.41 25.59 7.23
C VAL B 174 17.16 25.83 5.93
N LEU B 175 16.88 26.96 5.29
CA LEU B 175 17.55 27.36 4.07
C LEU B 175 18.59 28.42 4.41
N GLY B 176 19.85 28.14 4.09
CA GLY B 176 20.94 29.05 4.35
C GLY B 176 21.81 28.70 5.54
N GLY B 177 21.48 27.64 6.27
CA GLY B 177 22.26 27.25 7.42
C GLY B 177 21.60 26.09 8.15
N SER B 178 22.07 25.87 9.37
CA SER B 178 21.53 24.82 10.24
C SER B 178 21.08 25.43 11.55
N ASP B 179 20.24 24.69 12.27
CA ASP B 179 19.69 25.16 13.54
C ASP B 179 20.40 24.46 14.68
N PRO B 180 21.27 25.13 15.44
CA PRO B 180 21.96 24.44 16.54
C PRO B 180 21.04 23.92 17.63
N GLN B 181 19.80 24.43 17.72
CA GLN B 181 18.91 23.99 18.77
C GLN B 181 18.57 22.52 18.66
N HIS B 182 18.45 22.02 17.43
CA HIS B 182 17.96 20.66 17.19
C HIS B 182 19.08 19.64 16.95
N TYR B 183 20.35 20.03 17.05
CA TYR B 183 21.44 19.07 16.99
C TYR B 183 22.48 19.42 18.04
N GLU B 184 23.23 18.39 18.46
CA GLU B 184 24.30 18.54 19.44
C GLU B 184 25.62 18.07 18.83
N GLY B 185 26.71 18.51 19.44
CA GLY B 185 28.03 18.20 18.92
C GLY B 185 28.33 18.94 17.64
N ASN B 186 29.19 18.34 16.82
CA ASN B 186 29.61 18.92 15.56
C ASN B 186 29.19 18.04 14.40
N PHE B 187 29.08 18.66 13.23
CA PHE B 187 28.74 17.93 12.02
C PHE B 187 29.93 17.11 11.56
N HIS B 188 29.69 15.85 11.23
CA HIS B 188 30.69 15.01 10.57
C HIS B 188 30.39 15.03 9.07
N TYR B 189 31.34 15.49 8.27
CA TYR B 189 31.11 15.76 6.87
C TYR B 189 31.67 14.63 6.01
N ILE B 190 30.94 14.33 4.93
CA ILE B 190 31.26 13.23 4.03
C ILE B 190 31.08 13.72 2.60
N ASN B 191 32.04 13.39 1.74
CA ASN B 191 31.98 13.85 0.36
C ASN B 191 30.87 13.14 -0.41
N LEU B 192 30.29 13.85 -1.37
CA LEU B 192 29.41 13.25 -2.35
C LEU B 192 30.23 12.52 -3.39
N ILE B 193 29.74 11.35 -3.81
CA ILE B 193 30.42 10.60 -4.88
C ILE B 193 30.63 11.50 -6.09
N LYS B 194 29.56 12.16 -6.53
CA LYS B 194 29.63 13.08 -7.64
C LYS B 194 28.51 14.10 -7.49
N THR B 195 28.65 15.22 -8.20
CA THR B 195 27.58 16.20 -8.26
C THR B 195 26.40 15.64 -9.05
N GLY B 196 25.20 16.15 -8.75
CA GLY B 196 23.99 15.77 -9.44
C GLY B 196 23.06 14.90 -8.62
N VAL B 197 23.56 14.29 -7.54
CA VAL B 197 22.76 13.45 -6.66
C VAL B 197 23.29 13.64 -5.25
N TRP B 198 22.40 13.56 -4.27
CA TRP B 198 22.86 13.59 -2.88
C TRP B 198 23.10 12.13 -2.51
N GLN B 199 24.36 11.72 -2.57
CA GLN B 199 24.70 10.32 -2.37
C GLN B 199 26.11 10.25 -1.85
N ILE B 200 26.37 9.34 -0.94
CA ILE B 200 27.66 9.22 -0.31
C ILE B 200 28.07 7.76 -0.28
N GLN B 201 29.38 7.53 -0.25
CA GLN B 201 29.91 6.17 -0.21
C GLN B 201 29.63 5.56 1.16
N MET B 202 29.07 4.35 1.16
CA MET B 202 28.85 3.60 2.38
C MET B 202 29.77 2.40 2.40
N LYS B 203 30.53 2.26 3.47
CA LYS B 203 31.57 1.26 3.61
C LYS B 203 31.06 -0.04 4.22
N GLY B 204 29.75 -0.19 4.37
CA GLY B 204 29.16 -1.41 4.88
C GLY B 204 28.18 -1.16 6.02
N VAL B 205 27.42 -2.22 6.31
CA VAL B 205 26.28 -2.17 7.23
C VAL B 205 26.42 -3.33 8.21
N SER B 206 26.30 -3.03 9.49
CA SER B 206 26.51 -4.01 10.55
C SER B 206 25.22 -4.24 11.33
N VAL B 207 25.01 -5.49 11.72
CA VAL B 207 23.96 -5.85 12.67
C VAL B 207 24.67 -6.17 13.99
N GLY B 208 24.53 -5.28 14.96
CA GLY B 208 25.27 -5.46 16.19
C GLY B 208 26.76 -5.38 15.91
N SER B 209 27.50 -6.38 16.38
CA SER B 209 28.95 -6.38 16.25
C SER B 209 29.42 -6.81 14.87
N SER B 210 28.63 -7.61 14.15
CA SER B 210 29.05 -8.21 12.90
C SER B 210 28.59 -7.38 11.72
N THR B 211 29.44 -7.31 10.70
CA THR B 211 29.14 -6.56 9.47
C THR B 211 28.54 -7.52 8.45
N LEU B 212 27.24 -7.38 8.20
CA LEU B 212 26.51 -8.35 7.40
C LEU B 212 26.44 -8.01 5.91
N LEU B 213 26.66 -6.75 5.52
CA LEU B 213 26.39 -6.34 4.16
C LEU B 213 27.32 -5.23 3.72
N CYS B 214 27.35 -5.02 2.40
CA CYS B 214 28.03 -3.86 1.81
C CYS B 214 29.49 -3.78 2.24
N GLU B 215 30.11 -4.95 2.44
CA GLU B 215 31.49 -4.99 2.95
C GLU B 215 32.45 -4.36 1.95
N ASP B 216 32.23 -4.59 0.66
CA ASP B 216 33.06 -4.04 -0.39
C ASP B 216 32.59 -2.67 -0.86
N GLY B 217 31.60 -2.10 -0.19
CA GLY B 217 31.12 -0.77 -0.49
C GLY B 217 29.82 -0.79 -1.29
N CYS B 218 29.01 0.24 -1.07
CA CYS B 218 27.74 0.40 -1.78
C CYS B 218 27.35 1.87 -1.69
N LEU B 219 26.23 2.21 -2.30
CA LEU B 219 25.77 3.59 -2.35
C LEU B 219 24.68 3.84 -1.31
N ALA B 220 24.71 5.02 -0.71
CA ALA B 220 23.69 5.47 0.22
C ALA B 220 23.19 6.83 -0.23
N LEU B 221 21.94 6.90 -0.67
CA LEU B 221 21.29 8.14 -1.06
C LEU B 221 20.54 8.69 0.15
N VAL B 222 20.89 9.89 0.59
CA VAL B 222 20.18 10.52 1.70
C VAL B 222 18.94 11.17 1.11
N ASP B 223 17.77 10.66 1.50
CA ASP B 223 16.51 11.00 0.85
C ASP B 223 15.58 11.57 1.91
N THR B 224 15.29 12.87 1.82
CA THR B 224 14.38 13.49 2.76
C THR B 224 12.93 13.18 2.45
N GLY B 225 12.63 12.67 1.26
CA GLY B 225 11.29 12.24 0.91
C GLY B 225 11.01 10.79 1.19
N ALA B 226 12.04 10.00 1.49
CA ALA B 226 11.84 8.60 1.85
C ALA B 226 11.33 8.52 3.29
N SER B 227 10.23 7.78 3.48
CA SER B 227 9.68 7.62 4.82
C SER B 227 10.53 6.63 5.63
N TYR B 228 10.94 5.53 5.01
CA TYR B 228 11.77 4.53 5.65
C TYR B 228 13.20 4.60 5.14
N ILE B 229 14.03 3.74 5.71
CA ILE B 229 15.31 3.38 5.12
C ILE B 229 15.05 2.21 4.17
N SER B 230 15.63 2.28 2.98
CA SER B 230 15.38 1.27 1.96
C SER B 230 16.70 0.79 1.36
N GLY B 231 16.76 -0.51 1.10
CA GLY B 231 17.88 -1.10 0.41
C GLY B 231 17.40 -2.08 -0.64
N SER B 232 18.35 -2.60 -1.40
CA SER B 232 18.00 -3.56 -2.45
C SER B 232 17.31 -4.78 -1.84
N THR B 233 16.39 -5.36 -2.61
CA THR B 233 15.65 -6.52 -2.14
C THR B 233 16.60 -7.60 -1.61
N SER B 234 17.70 -7.85 -2.32
CA SER B 234 18.68 -8.83 -1.85
C SER B 234 19.21 -8.45 -0.48
N SER B 235 19.62 -7.19 -0.32
CA SER B 235 20.19 -6.75 0.95
C SER B 235 19.19 -6.87 2.08
N ILE B 236 17.96 -6.34 1.89
CA ILE B 236 16.98 -6.34 2.96
C ILE B 236 16.61 -7.78 3.35
N GLU B 237 16.48 -8.66 2.36
CA GLU B 237 16.21 -10.06 2.65
C GLU B 237 17.21 -10.61 3.66
N LYS B 238 18.50 -10.39 3.41
CA LYS B 238 19.54 -10.88 4.31
C LYS B 238 19.52 -10.13 5.64
N LEU B 239 19.18 -8.83 5.62
CA LEU B 239 19.11 -8.06 6.86
C LEU B 239 17.97 -8.52 7.74
N MET B 240 16.78 -8.66 7.16
CA MET B 240 15.61 -9.06 7.94
C MET B 240 15.76 -10.47 8.50
N GLU B 241 16.41 -11.37 7.76
CA GLU B 241 16.66 -12.71 8.28
C GLU B 241 17.48 -12.63 9.58
N ALA B 242 18.44 -11.72 9.64
CA ALA B 242 19.25 -11.57 10.85
C ALA B 242 18.43 -11.03 12.00
N LEU B 243 17.45 -10.18 11.72
CA LEU B 243 16.59 -9.63 12.77
C LEU B 243 15.45 -10.56 13.16
N GLY B 244 15.28 -11.68 12.45
CA GLY B 244 14.16 -12.56 12.72
C GLY B 244 12.82 -11.98 12.35
N ALA B 245 12.80 -10.97 11.50
CA ALA B 245 11.54 -10.36 11.07
C ALA B 245 10.86 -11.20 10.01
N LYS B 246 9.53 -11.12 9.97
CA LYS B 246 8.72 -11.84 9.01
C LYS B 246 8.06 -10.84 8.07
N LYS B 247 7.95 -11.22 6.80
CA LYS B 247 7.44 -10.30 5.78
C LYS B 247 5.92 -10.40 5.68
N ARG B 248 5.27 -9.25 5.78
CA ARG B 248 3.85 -9.13 5.48
C ARG B 248 3.68 -8.90 3.98
N LEU B 249 2.49 -8.51 3.55
CA LEU B 249 2.33 -8.07 2.17
C LEU B 249 3.24 -6.88 1.88
N PHE B 250 3.14 -5.82 2.70
CA PHE B 250 3.99 -4.64 2.52
C PHE B 250 5.29 -4.80 3.30
N ASP B 251 5.19 -4.79 4.62
CA ASP B 251 6.30 -4.51 5.51
C ASP B 251 6.88 -5.79 6.11
N TYR B 252 7.94 -5.60 6.89
CA TYR B 252 8.48 -6.61 7.77
C TYR B 252 8.05 -6.29 9.19
N VAL B 253 7.67 -7.32 9.93
CA VAL B 253 7.16 -7.15 11.28
C VAL B 253 7.94 -8.07 12.21
N VAL B 254 7.84 -7.77 13.50
CA VAL B 254 8.42 -8.59 14.54
C VAL B 254 7.45 -8.60 15.72
N LYS B 255 7.52 -9.66 16.52
CA LYS B 255 6.72 -9.71 17.73
C LYS B 255 7.01 -8.46 18.55
N CYS B 256 5.96 -7.71 18.89
CA CYS B 256 6.15 -6.43 19.53
C CYS B 256 6.96 -6.55 20.82
N ASN B 257 6.86 -7.69 21.50
CA ASN B 257 7.62 -7.88 22.73
C ASN B 257 9.10 -8.10 22.45
N GLU B 258 9.44 -8.67 21.30
CA GLU B 258 10.82 -8.98 20.97
C GLU B 258 11.60 -7.78 20.43
N GLY B 259 10.91 -6.69 20.10
CA GLY B 259 11.55 -5.53 19.51
C GLY B 259 12.73 -5.00 20.31
N PRO B 260 12.52 -4.74 21.60
CA PRO B 260 13.60 -4.11 22.40
C PRO B 260 14.86 -4.93 22.49
N THR B 261 14.82 -6.24 22.24
CA THR B 261 16.00 -7.08 22.30
C THR B 261 16.67 -7.26 20.94
N LEU B 262 16.12 -6.68 19.88
CA LEU B 262 16.76 -6.77 18.57
C LEU B 262 18.09 -6.05 18.59
N PRO B 263 19.06 -6.50 17.80
CA PRO B 263 20.39 -5.88 17.82
C PRO B 263 20.38 -4.50 17.17
N ASP B 264 21.52 -3.84 17.28
CA ASP B 264 21.71 -2.54 16.64
C ASP B 264 21.96 -2.71 15.14
N ILE B 265 21.66 -1.65 14.40
CA ILE B 265 21.95 -1.59 12.97
C ILE B 265 22.85 -0.38 12.75
N SER B 266 24.02 -0.60 12.19
CA SER B 266 25.00 0.46 11.97
C SER B 266 25.27 0.62 10.48
N PHE B 267 25.40 1.88 10.05
CA PHE B 267 25.81 2.23 8.71
C PHE B 267 27.15 2.96 8.80
N HIS B 268 28.14 2.46 8.07
CA HIS B 268 29.49 3.02 8.14
C HIS B 268 29.60 4.09 7.05
N LEU B 269 29.72 5.34 7.48
CA LEU B 269 29.78 6.49 6.58
C LEU B 269 30.94 7.37 7.00
N GLY B 270 31.75 7.79 6.03
CA GLY B 270 32.88 8.66 6.32
C GLY B 270 33.75 8.16 7.45
N GLY B 271 33.96 6.85 7.52
CA GLY B 271 34.81 6.26 8.53
C GLY B 271 34.19 6.10 9.90
N LYS B 272 32.96 6.58 10.10
CA LYS B 272 32.29 6.49 11.39
C LYS B 272 31.10 5.53 11.30
N GLU B 273 30.77 4.93 12.43
CA GLU B 273 29.63 4.03 12.54
C GLU B 273 28.41 4.83 12.99
N TYR B 274 27.35 4.79 12.19
CA TYR B 274 26.08 5.44 12.51
C TYR B 274 25.10 4.35 12.89
N THR B 275 24.75 4.29 14.17
CA THR B 275 24.01 3.17 14.75
C THR B 275 22.57 3.58 15.03
N LEU B 276 21.65 2.64 14.79
CA LEU B 276 20.24 2.81 15.11
C LEU B 276 19.79 1.66 15.99
N THR B 277 19.39 1.98 17.22
CA THR B 277 18.87 0.98 18.13
C THR B 277 17.46 0.55 17.71
N SER B 278 17.05 -0.63 18.21
CA SER B 278 15.73 -1.15 17.89
C SER B 278 14.62 -0.14 18.20
N ALA B 279 14.83 0.72 19.20
CA ALA B 279 13.85 1.75 19.49
C ALA B 279 13.74 2.76 18.35
N ASP B 280 14.81 2.92 17.56
CA ASP B 280 14.79 3.89 16.48
C ASP B 280 14.03 3.38 15.27
N TYR B 281 14.31 2.15 14.84
CA TYR B 281 13.80 1.65 13.56
C TYR B 281 12.54 0.80 13.68
N VAL B 282 11.97 0.64 14.87
CA VAL B 282 10.74 -0.14 15.07
C VAL B 282 9.63 0.81 15.49
N PHE B 283 8.46 0.65 14.87
CA PHE B 283 7.25 1.31 15.33
C PHE B 283 6.58 0.51 16.44
CA GLN B 284 6.85 0.29 19.39
C GLN B 284 5.48 0.90 19.62
N GLU B 285 4.52 0.54 18.78
CA GLU B 285 3.13 0.95 18.98
C GLU B 285 2.54 0.20 20.17
N SER B 286 2.97 -1.05 20.34
CA SER B 286 2.62 -1.84 21.50
C SER B 286 3.80 -2.75 21.81
N TYR B 287 3.88 -3.18 23.07
CA TYR B 287 4.87 -4.16 23.50
C TYR B 287 4.31 -5.57 23.66
N SER B 288 3.03 -5.79 23.38
CA SER B 288 2.40 -7.07 23.63
C SER B 288 3.01 -8.16 22.75
N SER B 289 3.17 -9.36 23.33
CA SER B 289 3.64 -10.51 22.57
C SER B 289 2.60 -11.02 21.58
N LYS B 290 1.35 -10.59 21.69
CA LYS B 290 0.28 -11.01 20.81
C LYS B 290 0.06 -10.05 19.65
N LYS B 291 0.91 -9.03 19.51
CA LYS B 291 0.76 -8.04 18.45
C LYS B 291 2.03 -7.93 17.64
N LEU B 292 1.88 -7.56 16.38
CA LEU B 292 2.99 -7.41 15.45
C LEU B 292 3.28 -5.92 15.26
N CYS B 293 4.57 -5.58 15.28
CA CYS B 293 5.02 -4.19 15.18
C CYS B 293 5.80 -4.02 13.89
N THR B 294 5.51 -2.93 13.18
CA THR B 294 6.13 -2.68 11.88
C THR B 294 7.55 -2.15 12.06
N LEU B 295 8.42 -2.55 11.14
CA LEU B 295 9.77 -2.02 11.04
C LEU B 295 9.82 -0.88 10.05
N ALA B 296 10.70 0.07 10.32
CA ALA B 296 10.85 1.29 9.53
C ALA B 296 11.76 1.09 8.32
N ILE B 297 12.08 -0.16 7.97
CA ILE B 297 12.90 -0.48 6.81
C ILE B 297 12.10 -1.38 5.88
N HIS B 298 12.36 -1.27 4.59
CA HIS B 298 11.79 -2.19 3.61
C HIS B 298 12.68 -2.19 2.37
N ALA B 299 12.31 -3.01 1.39
CA ALA B 299 13.13 -3.21 0.20
C ALA B 299 12.66 -2.33 -0.95
N MET B 300 13.60 -1.61 -1.56
CA MET B 300 13.35 -0.88 -2.78
C MET B 300 14.53 -1.04 -3.72
N ASP B 301 14.27 -1.49 -4.94
CA ASP B 301 15.30 -1.54 -5.98
C ASP B 301 15.19 -0.24 -6.76
N ILE B 302 16.17 0.63 -6.60
CA ILE B 302 16.17 1.92 -7.27
C ILE B 302 16.86 1.72 -8.62
N PRO B 303 16.24 2.09 -9.73
CA PRO B 303 16.86 1.82 -11.02
C PRO B 303 18.01 2.77 -11.27
N PRO B 304 19.02 2.34 -12.04
CA PRO B 304 20.11 3.25 -12.45
C PRO B 304 19.57 4.46 -13.23
N PRO B 305 20.37 5.53 -13.35
CA PRO B 305 21.75 5.69 -12.88
C PRO B 305 21.89 5.84 -11.37
N THR B 306 20.79 6.19 -10.69
CA THR B 306 20.87 6.45 -9.25
C THR B 306 21.18 5.17 -8.49
N GLY B 307 20.51 4.08 -8.82
CA GLY B 307 20.71 2.82 -8.13
C GLY B 307 21.55 1.81 -8.90
N PRO B 308 21.74 0.61 -8.32
CA PRO B 308 21.19 0.21 -7.02
C PRO B 308 21.84 0.95 -5.86
N THR B 309 21.04 1.39 -4.90
CA THR B 309 21.56 2.16 -3.78
C THR B 309 20.66 1.99 -2.57
N TRP B 310 21.26 2.16 -1.39
CA TRP B 310 20.48 2.35 -0.19
C TRP B 310 19.90 3.76 -0.16
N ALA B 311 18.78 3.91 0.52
CA ALA B 311 18.18 5.22 0.74
C ALA B 311 17.98 5.42 2.23
N LEU B 312 18.51 6.51 2.75
CA LEU B 312 18.36 6.85 4.16
C LEU B 312 17.24 7.88 4.27
N GLY B 313 16.11 7.43 4.80
CA GLY B 313 14.91 8.24 4.87
C GLY B 313 14.68 8.80 6.26
N ALA B 314 13.41 9.05 6.57
CA ALA B 314 13.07 9.65 7.87
C ALA B 314 13.61 8.83 9.02
N THR B 315 13.63 7.49 8.89
CA THR B 315 14.18 6.66 9.94
C THR B 315 15.59 7.11 10.32
N PHE B 316 16.43 7.38 9.31
CA PHE B 316 17.79 7.81 9.57
C PHE B 316 17.84 9.29 9.96
N ILE B 317 17.13 10.14 9.22
CA ILE B 317 17.19 11.58 9.47
C ILE B 317 16.68 11.89 10.88
N ARG B 318 15.71 11.11 11.37
CA ARG B 318 15.14 11.37 12.68
C ARG B 318 16.21 11.44 13.76
N LYS B 319 17.16 10.50 13.74
CA LYS B 319 18.21 10.48 14.75
C LYS B 319 19.34 11.46 14.42
N PHE B 320 19.67 11.62 13.14
CA PHE B 320 20.84 12.40 12.73
C PHE B 320 20.38 13.62 11.94
N TYR B 321 20.55 14.80 12.55
CA TYR B 321 20.33 16.06 11.83
C TYR B 321 21.23 16.10 10.60
N THR B 322 20.64 16.37 9.45
CA THR B 322 21.34 16.28 8.17
C THR B 322 21.43 17.66 7.53
N GLU B 323 22.65 18.05 7.16
CA GLU B 323 22.90 19.30 6.44
C GLU B 323 23.44 18.97 5.05
N PHE B 324 22.79 19.54 4.02
CA PHE B 324 23.19 19.33 2.64
C PHE B 324 23.92 20.56 2.14
N ASP B 325 25.17 20.39 1.73
CA ASP B 325 26.06 21.50 1.38
C ASP B 325 26.31 21.52 -0.12
N ARG B 326 25.85 22.59 -0.78
CA ARG B 326 26.11 22.75 -2.21
C ARG B 326 27.51 23.31 -2.46
N ARG B 327 27.97 24.26 -1.64
CA ARG B 327 29.25 24.89 -1.87
C ARG B 327 30.38 23.86 -1.90
N ASN B 328 30.42 23.00 -0.89
CA ASN B 328 31.48 22.01 -0.75
C ASN B 328 31.08 20.64 -1.28
N ASN B 329 29.84 20.47 -1.74
CA ASN B 329 29.36 19.20 -2.26
C ASN B 329 29.60 18.08 -1.24
N ARG B 330 28.86 18.18 -0.14
CA ARG B 330 29.01 17.25 0.98
C ARG B 330 27.72 17.23 1.79
N ILE B 331 27.59 16.20 2.62
CA ILE B 331 26.45 16.04 3.51
C ILE B 331 26.98 15.94 4.93
N GLY B 332 26.54 16.84 5.81
CA GLY B 332 26.91 16.78 7.20
C GLY B 332 25.91 15.98 8.01
N PHE B 333 26.41 15.38 9.10
CA PHE B 333 25.59 14.61 10.01
C PHE B 333 25.93 15.01 11.44
N ALA B 334 24.89 15.20 12.25
CA ALA B 334 25.05 15.50 13.66
C ALA B 334 23.92 14.82 14.43
N LEU B 335 24.22 14.39 15.64
CA LEU B 335 23.22 13.71 16.45
C LEU B 335 22.08 14.67 16.75
N ALA B 336 20.86 14.26 16.41
CA ALA B 336 19.70 15.14 16.49
C ALA B 336 19.16 15.23 17.92
N ARG B 337 18.57 16.38 18.22
CA ARG B 337 17.91 16.60 19.50
C ARG B 337 16.75 17.58 19.34
C1 NAG C . -21.84 -9.52 24.29
C2 NAG C . -22.86 -9.47 25.40
C3 NAG C . -22.35 -10.21 26.63
C4 NAG C . -22.07 -11.65 26.27
C5 NAG C . -21.10 -11.74 25.09
C6 NAG C . -20.97 -13.14 24.53
C7 NAG C . -24.44 -7.58 25.50
C8 NAG C . -24.63 -6.14 25.87
N2 NAG C . -23.23 -8.10 25.73
O3 NAG C . -23.32 -10.14 27.66
O4 NAG C . -21.50 -12.33 27.39
O5 NAG C . -21.51 -10.90 24.00
O6 NAG C . -20.92 -13.12 23.11
O7 NAG C . -25.34 -8.25 25.00
S SO4 D . 4.58 -0.94 -30.51
O1 SO4 D . 5.72 -1.35 -29.71
O2 SO4 D . 3.41 -1.74 -30.14
O3 SO4 D . 4.30 0.46 -30.28
O4 SO4 D . 4.87 -1.16 -31.93
C10 9JD E . -8.62 -2.65 -0.40
C12 9JD E . -8.44 -1.84 -1.49
C13 9JD E . -8.08 -2.42 -2.68
C14 9JD E . -7.90 -3.79 -2.78
C15 9JD E . -8.06 -4.61 -1.67
C16 9JD E . -7.86 -6.14 -1.80
C18 9JD E . -9.18 -6.93 -1.95
C19 9JD E . -10.41 -6.11 -2.37
N21 9JD E . -11.61 -8.25 -2.64
O23 9JD E . -13.14 -8.00 -4.29
O24 9JD E . -11.81 -9.82 -4.17
C01 9JD E . -12.21 -6.93 2.63
C02 9JD E . -10.95 -7.51 2.10
C03 9JD E . -9.87 -6.53 2.04
C04 9JD E . -9.03 -6.34 3.12
C05 9JD E . -8.00 -5.40 3.06
C06 9JD E . -7.82 -4.66 1.91
C07 9JD E . -8.65 -4.82 0.81
C08 9JD E . -9.67 -5.76 0.90
C09 9JD E . -8.44 -4.02 -0.43
F11 9JD E . -8.97 -2.09 0.77
O17 9JD E . -7.08 -6.38 -2.97
C20 9JD E . -11.69 -6.89 -2.14
C22 9JD E . -12.25 -8.64 -3.75
C25 9JD E . -12.48 -10.36 -5.35
C26 9JD E . -6.78 -6.73 -0.76
C28 9JD E . -5.38 -6.11 -0.87
C29 9JD E . -4.40 -6.76 0.12
C30 9JD E . -4.45 -8.28 0.02
N31 9JD E . -5.83 -8.76 0.08
C32 9JD E . -6.65 -8.15 -0.97
C33 9JD E . -6.26 -9.63 1.02
O34 9JD E . -5.51 -10.09 1.86
C35 9JD E . -7.73 -10.05 0.99
C36 9JD E . -7.94 -11.38 1.72
O38 9JD E . -7.58 -12.43 0.83
C39 9JD E . -9.45 -11.59 2.01
N40 9JD E . -9.82 -11.49 3.42
C10 9JD F . -1.88 -2.48 -2.84
C12 9JD F . -2.72 -1.96 -1.89
C13 9JD F . -4.08 -2.07 -2.10
C14 9JD F . -4.57 -2.69 -3.25
C15 9JD F . -3.71 -3.20 -4.20
C16 9JD F . -4.28 -3.89 -5.47
C18 9JD F . -3.82 -5.34 -5.62
C19 9JD F . -3.77 -6.16 -4.33
N21 9JD F . -4.32 -8.47 -3.68
O23 9JD F . -3.13 -10.38 -4.03
O24 9JD F . -4.95 -10.36 -2.69
C01 9JD F . -0.99 -2.26 -9.14
C02 9JD F . 0.23 -2.55 -8.30
C03 9JD F . -0.10 -3.36 -7.06
C04 9JD F . 0.53 -4.58 -6.81
C05 9JD F . 0.24 -5.30 -5.68
C06 9JD F . -0.68 -4.83 -4.77
C07 9JD F . -1.32 -3.61 -4.98
C08 9JD F . -1.01 -2.90 -6.12
C09 9JD F . -2.32 -3.10 -4.01
F11 9JD F . -0.54 -2.37 -2.65
O17 9JD F . -5.71 -3.92 -5.35
C20 9JD F . -3.47 -7.64 -4.53
C22 9JD F . -4.06 -9.78 -3.51
C25 9JD F . -4.73 -11.76 -2.43
C26 9JD F . -4.21 -2.90 -6.74
C28 9JD F . -4.81 -1.50 -6.49
C29 9JD F . -4.88 -0.67 -7.76
C30 9JD F . -5.59 -1.42 -8.85
N31 9JD F . -4.92 -2.72 -9.09
C32 9JD F . -4.93 -3.56 -7.90
C33 9JD F . -4.34 -3.11 -10.25
O34 9JD F . -3.81 -4.20 -10.35
C35 9JD F . -4.37 -2.18 -11.44
C36 9JD F . -3.32 -2.54 -12.49
O38 9JD F . -2.38 -1.48 -12.57
C39 9JD F . -3.95 -2.63 -13.91
N40 9JD F . -2.99 -2.83 -15.00
C1 NAG G . 8.76 26.31 -21.64
C2 NAG G . 8.92 26.89 -23.04
C3 NAG G . 10.30 26.61 -23.57
C4 NAG G . 11.29 27.46 -22.80
C5 NAG G . 11.17 27.24 -21.29
C6 NAG G . 11.04 28.54 -20.52
C7 NAG G . 6.75 26.95 -24.20
C8 NAG G . 5.84 26.23 -25.15
N2 NAG G . 7.91 26.34 -23.93
O3 NAG G . 10.36 26.93 -24.95
O4 NAG G . 12.61 27.13 -23.21
O5 NAG G . 10.04 26.44 -20.88
O6 NAG G . 12.27 28.90 -19.89
O7 NAG G . 6.44 28.02 -23.70
C10 9JD H . 2.58 9.12 -1.02
C12 9JD H . 1.63 8.78 -0.10
C13 9JD H . 2.06 8.23 1.10
C14 9JD H . 3.41 8.04 1.35
C15 9JD H . 4.37 8.38 0.40
C16 9JD H . 5.87 8.16 0.70
C18 9JD H . 6.60 9.43 1.16
C19 9JD H . 5.73 10.58 1.65
N21 9JD H . 7.83 11.66 2.35
O23 9JD H . 7.40 12.82 4.23
O24 9JD H . 9.38 11.77 3.91
C01 9JD H . 7.16 13.16 -3.00
C02 9JD H . 7.66 11.86 -2.48
C03 9JD H . 6.71 10.74 -2.70
C04 9JD H . 6.70 10.05 -3.91
C05 9JD H . 5.81 9.02 -4.12
C06 9JD H . 4.91 8.66 -3.12
C07 9JD H . 4.90 9.34 -1.91
C08 9JD H . 5.81 10.38 -1.72
C09 9JD H . 3.94 8.95 -0.84
F11 9JD H . 2.17 9.65 -2.20
O17 9JD H . 5.96 7.20 1.76
C20 9JD H . 6.52 11.86 1.76
C22 9JD H . 8.15 12.14 3.56
C25 9JD H . 9.73 12.04 5.30
C26 9JD H . 6.59 7.27 -0.41
C28 9JD H . 5.96 5.90 -0.64
C29 9JD H . 6.70 5.10 -1.71
C30 9JD H . 8.18 5.09 -1.44
N31 9JD H . 8.67 6.45 -1.18
C32 9JD H . 7.95 7.06 -0.07
C33 9JD H . 9.65 7.03 -1.91
O34 9JD H . 10.20 6.44 -2.82
C35 9JD H . 10.07 8.44 -1.57
C36 9JD H . 11.40 8.81 -2.20
O38 9JD H . 12.46 8.28 -1.41
C39 9JD H . 11.60 10.36 -2.17
N40 9JD H . 11.86 10.97 -3.47
C10 9JD I . 2.89 1.46 0.73
C12 9JD I . 2.68 2.29 -0.34
C13 9JD I . 2.79 3.65 -0.14
C14 9JD I . 3.11 4.16 1.12
C15 9JD I . 3.31 3.31 2.21
C16 9JD I . 3.66 3.90 3.59
C18 9JD I . 5.16 3.80 3.94
C19 9JD I . 6.13 3.63 2.77
N21 9JD I . 8.53 4.23 2.68
O23 9JD I . 9.17 2.93 0.96
O24 9JD I . 10.27 4.82 1.48
C01 9JD I . 7.04 -1.28 4.37
C02 9JD I . 6.19 -0.35 5.16
C03 9JD I . 4.91 -0.18 4.66
C04 9JD I . 3.83 -0.89 5.17
C05 9JD I . 2.56 -0.71 4.65
C06 9JD I . 2.35 0.20 3.63
C07 9JD I . 3.41 0.92 3.11
C08 9JD I . 4.68 0.72 3.63
C09 9JD I . 3.20 1.91 2.00
F11 9JD I . 2.79 0.13 0.55
O17 9JD I . 3.32 5.28 3.59
C20 9JD I . 7.53 3.30 3.22
C22 9JD I . 9.31 3.91 1.65
C25 9JD I . 11.23 4.53 0.44
C26 9JD I . 2.65 3.47 4.76
C28 9JD I . 1.17 3.82 4.50
C29 9JD I . 0.29 3.49 5.70
C30 9JD I . 0.83 4.13 6.96
N31 9JD I . 2.24 3.74 7.17
C32 9JD I . 3.08 4.14 6.04
C33 9JD I . 2.75 3.10 8.25
O34 9JD I . 3.94 2.82 8.31
C35 9JD I . 1.82 2.71 9.38
C36 9JD I . 2.39 1.56 10.21
O38 9JD I . 1.97 0.33 9.62
C39 9JD I . 1.78 1.54 11.65
N40 9JD I . 2.75 1.76 12.73
#